data_8ORZ
#
_entry.id   8ORZ
#
_entity_poly.entity_id   1
_entity_poly.type   'polypeptide(L)'
_entity_poly.pdbx_seq_one_letter_code
;KKKLHFMYVGGGGFVLLFFVGCGVLLSKKK
;
_entity_poly.pdbx_strand_id   A
#
# COMPACT_ATOMS: atom_id res chain seq x y z
N LYS A 1 8.35 -5.65 -14.18
CA LYS A 1 9.44 -4.77 -13.71
C LYS A 1 8.99 -3.31 -13.67
N LYS A 2 8.48 -2.83 -14.81
CA LYS A 2 8.02 -1.45 -14.91
C LYS A 2 6.78 -1.23 -14.05
N LYS A 3 5.96 -2.27 -13.92
CA LYS A 3 4.73 -2.18 -13.12
C LYS A 3 5.03 -2.45 -11.66
N LEU A 4 6.22 -2.96 -11.37
CA LEU A 4 6.62 -3.26 -10.00
C LEU A 4 6.75 -1.98 -9.17
N HIS A 5 7.46 -1.00 -9.72
CA HIS A 5 7.66 0.28 -9.03
C HIS A 5 6.44 1.18 -9.20
N PHE A 6 5.67 0.94 -10.26
CA PHE A 6 4.48 1.73 -10.54
C PHE A 6 3.36 1.39 -9.56
N MET A 7 3.38 0.16 -9.05
CA MET A 7 2.36 -0.29 -8.12
C MET A 7 2.43 0.51 -6.81
N TYR A 8 3.59 1.10 -6.55
CA TYR A 8 3.79 1.90 -5.35
C TYR A 8 3.14 3.27 -5.50
N VAL A 9 3.21 3.83 -6.69
CA VAL A 9 2.62 5.15 -6.96
C VAL A 9 1.17 5.02 -7.42
N GLY A 10 0.71 3.78 -7.57
CA GLY A 10 -0.66 3.55 -8.01
C GLY A 10 -1.67 3.91 -6.95
N GLY A 11 -1.19 4.32 -5.78
CA GLY A 11 -2.08 4.67 -4.69
C GLY A 11 -2.39 3.50 -3.77
N GLY A 12 -1.58 3.36 -2.72
CA GLY A 12 -1.79 2.27 -1.77
C GLY A 12 -0.93 2.42 -0.53
N GLY A 13 0.32 1.99 -0.63
CA GLY A 13 1.22 2.08 0.50
C GLY A 13 1.52 3.51 0.91
N PHE A 14 1.35 4.43 -0.04
CA PHE A 14 1.60 5.84 0.23
C PHE A 14 0.37 6.49 0.84
N VAL A 15 -0.81 6.15 0.32
CA VAL A 15 -2.06 6.70 0.86
C VAL A 15 -2.13 6.45 2.35
N LEU A 16 -1.50 5.36 2.78
CA LEU A 16 -1.44 5.00 4.19
C LEU A 16 -0.81 6.16 4.97
N LEU A 17 0.25 6.72 4.39
CA LEU A 17 0.95 7.84 5.01
C LEU A 17 0.04 9.05 5.14
N PHE A 18 -0.89 9.18 4.20
CA PHE A 18 -1.83 10.30 4.20
C PHE A 18 -2.62 10.33 5.51
N PHE A 19 -2.93 9.15 6.03
CA PHE A 19 -3.68 9.03 7.28
C PHE A 19 -2.75 9.20 8.48
N VAL A 20 -1.46 8.96 8.25
CA VAL A 20 -0.45 9.07 9.31
C VAL A 20 0.00 10.51 9.51
N GLY A 21 -0.11 11.31 8.44
CA GLY A 21 0.31 12.70 8.50
C GLY A 21 -0.76 13.62 9.08
N CYS A 22 -2.02 13.27 8.85
CA CYS A 22 -3.14 14.09 9.36
C CYS A 22 -3.09 14.19 10.88
N GLY A 23 -2.56 13.15 11.52
CA GLY A 23 -2.48 13.15 12.97
C GLY A 23 -1.27 13.91 13.48
N VAL A 24 -0.28 14.10 12.60
CA VAL A 24 0.94 14.80 12.96
C VAL A 24 0.66 16.27 13.28
N LEU A 25 -0.05 16.93 12.36
CA LEU A 25 -0.38 18.34 12.55
C LEU A 25 -1.33 18.54 13.72
N LEU A 26 -2.06 17.48 14.07
CA LEU A 26 -2.99 17.53 15.19
C LEU A 26 -2.27 17.37 16.52
N SER A 27 -1.11 16.72 16.47
CA SER A 27 -0.32 16.50 17.69
C SER A 27 0.47 17.76 18.06
N LYS A 28 0.75 18.60 17.07
CA LYS A 28 1.48 19.83 17.31
C LYS A 28 0.58 20.92 17.88
N LYS A 29 -0.48 21.25 17.15
CA LYS A 29 -1.43 22.27 17.59
C LYS A 29 -2.30 21.74 18.74
N LYS A 30 -2.87 22.66 19.51
CA LYS A 30 -3.72 22.30 20.63
C LYS A 30 -5.15 22.76 20.40
N LYS A 1 7.86 -5.12 -16.31
CA LYS A 1 9.16 -5.30 -15.60
C LYS A 1 9.35 -4.21 -14.53
N LYS A 2 9.66 -3.00 -14.99
CA LYS A 2 9.87 -1.88 -14.08
C LYS A 2 8.54 -1.35 -13.56
N LYS A 3 7.44 -1.84 -14.13
CA LYS A 3 6.11 -1.41 -13.72
C LYS A 3 5.78 -1.85 -12.29
N LEU A 4 6.63 -2.71 -11.73
CA LEU A 4 6.42 -3.19 -10.36
C LEU A 4 6.51 -2.05 -9.36
N HIS A 5 7.24 -0.99 -9.74
CA HIS A 5 7.41 0.16 -8.86
C HIS A 5 6.14 1.02 -8.85
N PHE A 6 5.33 0.90 -9.90
CA PHE A 6 4.09 1.66 -10.02
C PHE A 6 3.02 1.07 -9.10
N MET A 7 3.14 -0.21 -8.79
CA MET A 7 2.17 -0.89 -7.94
C MET A 7 2.20 -0.31 -6.53
N TYR A 8 3.32 0.30 -6.16
CA TYR A 8 3.48 0.91 -4.85
C TYR A 8 2.73 2.24 -4.76
N VAL A 9 2.97 3.10 -5.74
CA VAL A 9 2.33 4.41 -5.78
C VAL A 9 0.83 4.27 -5.99
N GLY A 10 0.43 3.30 -6.81
CA GLY A 10 -0.98 3.08 -7.08
C GLY A 10 -1.65 2.22 -6.02
N GLY A 11 -0.84 1.55 -5.21
CA GLY A 11 -1.39 0.70 -4.16
C GLY A 11 -2.07 1.50 -3.06
N GLY A 12 -1.25 2.16 -2.23
CA GLY A 12 -1.80 2.96 -1.15
C GLY A 12 -0.72 3.50 -0.24
N GLY A 13 0.51 3.03 -0.43
CA GLY A 13 1.61 3.49 0.40
C GLY A 13 1.94 4.95 0.18
N PHE A 14 1.83 5.41 -1.06
CA PHE A 14 2.11 6.80 -1.40
C PHE A 14 1.02 7.72 -0.86
N VAL A 15 -0.21 7.21 -0.84
CA VAL A 15 -1.35 7.98 -0.36
C VAL A 15 -1.08 8.58 1.01
N LEU A 16 -0.25 7.92 1.81
CA LEU A 16 0.09 8.41 3.14
C LEU A 16 0.62 9.84 3.04
N LEU A 17 1.49 10.06 2.06
CA LEU A 17 2.07 11.37 1.85
C LEU A 17 0.99 12.40 1.55
N PHE A 18 -0.11 11.94 0.98
CA PHE A 18 -1.23 12.81 0.64
C PHE A 18 -2.02 13.19 1.89
N PHE A 19 -2.07 12.28 2.86
CA PHE A 19 -2.79 12.53 4.10
C PHE A 19 -1.95 13.35 5.07
N VAL A 20 -0.63 13.21 4.97
CA VAL A 20 0.28 13.96 5.83
C VAL A 20 0.43 15.40 5.35
N GLY A 21 0.52 15.57 4.03
CA GLY A 21 0.66 16.90 3.47
C GLY A 21 -0.62 17.71 3.56
N CYS A 22 -1.73 17.02 3.84
CA CYS A 22 -3.03 17.67 3.96
C CYS A 22 -2.97 18.88 4.90
N GLY A 23 -2.14 18.78 5.93
CA GLY A 23 -2.00 19.88 6.89
C GLY A 23 -1.04 20.95 6.42
N VAL A 24 -0.12 20.58 5.53
CA VAL A 24 0.86 21.52 5.02
C VAL A 24 0.26 22.43 3.96
N LEU A 25 -0.51 21.85 3.05
CA LEU A 25 -1.15 22.63 1.99
C LEU A 25 -2.08 23.69 2.56
N LEU A 26 -2.54 23.47 3.79
CA LEU A 26 -3.44 24.40 4.44
C LEU A 26 -2.69 25.65 4.90
N SER A 27 -1.40 25.49 5.19
CA SER A 27 -0.57 26.59 5.64
C SER A 27 -0.27 27.54 4.48
N LYS A 28 0.26 26.98 3.40
CA LYS A 28 0.61 27.78 2.22
C LYS A 28 -0.66 28.29 1.54
N LYS A 29 -1.53 27.37 1.16
CA LYS A 29 -2.78 27.72 0.49
C LYS A 29 -2.53 28.54 -0.77
N LYS A 30 -2.32 27.84 -1.88
CA LYS A 30 -2.06 28.51 -3.16
C LYS A 30 -0.84 29.43 -3.06
N LYS A 1 5.56 -9.35 -11.88
CA LYS A 1 5.66 -8.66 -10.57
C LYS A 1 6.39 -7.33 -10.70
N LYS A 2 6.82 -7.01 -11.92
CA LYS A 2 7.55 -5.77 -12.18
C LYS A 2 6.70 -4.55 -11.84
N LYS A 3 5.37 -4.73 -11.88
CA LYS A 3 4.43 -3.65 -11.58
C LYS A 3 4.58 -3.16 -10.15
N LEU A 4 5.34 -3.88 -9.34
CA LEU A 4 5.54 -3.53 -7.93
C LEU A 4 5.97 -2.06 -7.77
N HIS A 5 6.55 -1.48 -8.81
CA HIS A 5 7.00 -0.09 -8.76
C HIS A 5 5.85 0.88 -9.05
N PHE A 6 4.93 0.45 -9.91
CA PHE A 6 3.78 1.27 -10.26
C PHE A 6 2.85 1.46 -9.07
N MET A 7 2.47 0.35 -8.44
CA MET A 7 1.58 0.38 -7.29
C MET A 7 2.19 1.19 -6.15
N TYR A 8 3.51 1.34 -6.17
CA TYR A 8 4.21 2.10 -5.14
C TYR A 8 4.12 3.60 -5.41
N VAL A 9 4.31 3.97 -6.67
CA VAL A 9 4.26 5.38 -7.07
C VAL A 9 2.81 5.83 -7.30
N GLY A 10 1.89 4.88 -7.20
CA GLY A 10 0.48 5.20 -7.40
C GLY A 10 -0.14 5.89 -6.20
N GLY A 11 0.67 6.09 -5.17
CA GLY A 11 0.17 6.75 -3.96
C GLY A 11 -0.12 5.76 -2.85
N GLY A 12 -0.47 4.54 -3.23
CA GLY A 12 -0.78 3.52 -2.24
C GLY A 12 -1.36 2.27 -2.87
N GLY A 13 -0.52 1.25 -3.05
CA GLY A 13 -0.97 0.00 -3.64
C GLY A 13 -1.65 -0.90 -2.63
N PHE A 14 -1.35 -0.70 -1.34
CA PHE A 14 -1.91 -1.53 -0.28
C PHE A 14 -3.30 -1.03 0.14
N VAL A 15 -3.50 0.29 0.14
CA VAL A 15 -4.79 0.86 0.54
C VAL A 15 -5.95 0.27 -0.24
N LEU A 16 -5.66 -0.25 -1.43
CA LEU A 16 -6.69 -0.86 -2.26
C LEU A 16 -7.40 -1.97 -1.48
N LEU A 17 -6.61 -2.74 -0.75
CA LEU A 17 -7.14 -3.84 0.05
C LEU A 17 -8.18 -3.33 1.05
N PHE A 18 -8.01 -2.09 1.49
CA PHE A 18 -8.92 -1.46 2.43
C PHE A 18 -10.25 -1.12 1.75
N PHE A 19 -10.17 -0.79 0.46
CA PHE A 19 -11.35 -0.45 -0.32
C PHE A 19 -12.13 -1.71 -0.70
N VAL A 20 -11.42 -2.83 -0.77
CA VAL A 20 -12.05 -4.09 -1.13
C VAL A 20 -13.14 -4.48 -0.13
N GLY A 21 -12.75 -4.64 1.13
CA GLY A 21 -13.71 -5.00 2.16
C GLY A 21 -14.64 -3.87 2.53
N CYS A 22 -14.20 -2.63 2.31
CA CYS A 22 -15.01 -1.46 2.62
C CYS A 22 -16.26 -1.41 1.74
N GLY A 23 -16.15 -1.93 0.53
CA GLY A 23 -17.27 -1.93 -0.39
C GLY A 23 -18.21 -3.11 -0.15
N VAL A 24 -17.65 -4.22 0.31
CA VAL A 24 -18.45 -5.41 0.58
C VAL A 24 -19.51 -5.15 1.62
N LEU A 25 -19.16 -4.37 2.64
CA LEU A 25 -20.09 -4.04 3.72
C LEU A 25 -21.33 -3.33 3.17
N LEU A 26 -21.12 -2.42 2.22
CA LEU A 26 -22.21 -1.67 1.62
C LEU A 26 -22.95 -2.54 0.59
N SER A 27 -22.24 -3.49 0.02
CA SER A 27 -22.82 -4.39 -0.98
C SER A 27 -23.95 -5.22 -0.37
N LYS A 28 -23.92 -5.38 0.95
CA LYS A 28 -24.93 -6.14 1.66
C LYS A 28 -26.13 -5.25 2.00
N LYS A 29 -25.85 -4.02 2.44
CA LYS A 29 -26.89 -3.08 2.80
C LYS A 29 -27.62 -2.58 1.55
N LYS A 30 -28.91 -2.29 1.71
CA LYS A 30 -29.73 -1.80 0.60
C LYS A 30 -29.66 -0.27 0.51
N LYS A 1 10.48 -6.35 -10.29
CA LYS A 1 10.39 -5.15 -9.43
C LYS A 1 9.99 -3.92 -10.24
N LYS A 2 10.11 -4.02 -11.56
CA LYS A 2 9.77 -2.92 -12.46
C LYS A 2 8.28 -2.61 -12.37
N LYS A 3 7.45 -3.63 -12.55
CA LYS A 3 6.01 -3.45 -12.50
C LYS A 3 5.56 -3.06 -11.10
N LEU A 4 6.39 -3.38 -10.11
CA LEU A 4 6.08 -3.06 -8.72
C LEU A 4 6.21 -1.56 -8.46
N HIS A 5 7.15 -0.93 -9.16
CA HIS A 5 7.38 0.51 -9.00
C HIS A 5 6.17 1.31 -9.48
N PHE A 6 5.45 0.75 -10.46
CA PHE A 6 4.28 1.43 -11.01
C PHE A 6 3.10 1.34 -10.05
N MET A 7 3.03 0.23 -9.31
CA MET A 7 1.95 0.02 -8.35
C MET A 7 2.19 0.84 -7.09
N TYR A 8 3.47 1.06 -6.76
CA TYR A 8 3.84 1.83 -5.58
C TYR A 8 3.49 3.30 -5.76
N VAL A 9 3.61 3.78 -6.99
CA VAL A 9 3.31 5.19 -7.28
C VAL A 9 1.83 5.38 -7.60
N GLY A 10 1.09 4.28 -7.62
CA GLY A 10 -0.33 4.35 -7.90
C GLY A 10 -1.16 4.57 -6.65
N GLY A 11 -0.54 4.35 -5.49
CA GLY A 11 -1.24 4.53 -4.23
C GLY A 11 -0.61 3.74 -3.11
N GLY A 12 -1.45 3.02 -2.34
CA GLY A 12 -0.93 2.23 -1.24
C GLY A 12 -0.67 0.79 -1.64
N GLY A 13 -0.04 0.61 -2.80
CA GLY A 13 0.27 -0.72 -3.28
C GLY A 13 1.20 -1.48 -2.34
N PHE A 14 2.00 -0.75 -1.57
CA PHE A 14 2.93 -1.35 -0.64
C PHE A 14 2.19 -1.88 0.58
N VAL A 15 1.13 -1.18 0.98
CA VAL A 15 0.33 -1.58 2.13
C VAL A 15 -0.23 -2.99 1.96
N LEU A 16 -0.36 -3.42 0.70
CA LEU A 16 -0.87 -4.76 0.41
C LEU A 16 -0.01 -5.81 1.12
N LEU A 17 1.28 -5.54 1.18
CA LEU A 17 2.22 -6.45 1.83
C LEU A 17 1.89 -6.58 3.32
N PHE A 18 1.29 -5.52 3.87
CA PHE A 18 0.93 -5.50 5.27
C PHE A 18 -0.29 -6.39 5.54
N PHE A 19 -1.27 -6.33 4.63
CA PHE A 19 -2.48 -7.13 4.75
C PHE A 19 -2.20 -8.60 4.46
N VAL A 20 -1.21 -8.86 3.61
CA VAL A 20 -0.84 -10.22 3.25
C VAL A 20 -0.09 -10.90 4.40
N GLY A 21 0.84 -10.16 5.00
CA GLY A 21 1.62 -10.71 6.10
C GLY A 21 0.76 -11.21 7.25
N CYS A 22 -0.43 -10.63 7.39
CA CYS A 22 -1.34 -11.03 8.45
C CYS A 22 -2.09 -12.31 8.08
N GLY A 23 -2.33 -12.48 6.79
CA GLY A 23 -3.05 -13.65 6.31
C GLY A 23 -2.15 -14.88 6.27
N VAL A 24 -0.86 -14.66 6.05
CA VAL A 24 0.11 -15.75 6.00
C VAL A 24 0.21 -16.45 7.35
N LEU A 25 0.12 -15.68 8.43
CA LEU A 25 0.20 -16.22 9.77
C LEU A 25 -0.94 -17.21 10.03
N LEU A 26 -2.10 -16.92 9.47
CA LEU A 26 -3.27 -17.78 9.64
C LEU A 26 -3.21 -18.95 8.66
N SER A 27 -2.48 -18.77 7.56
CA SER A 27 -2.34 -19.81 6.55
C SER A 27 -1.51 -20.98 7.10
N LYS A 28 -0.47 -20.65 7.86
CA LYS A 28 0.40 -21.66 8.43
C LYS A 28 -0.15 -22.15 9.78
N LYS A 29 -1.05 -21.36 10.36
CA LYS A 29 -1.66 -21.69 11.64
C LYS A 29 -3.18 -21.58 11.56
N LYS A 30 -3.80 -22.58 10.96
CA LYS A 30 -5.26 -22.59 10.83
C LYS A 30 -5.91 -23.43 11.92
N LYS A 1 6.39 -9.89 -9.90
CA LYS A 1 5.92 -8.79 -9.01
C LYS A 1 6.65 -7.49 -9.34
N LYS A 2 7.24 -7.43 -10.52
CA LYS A 2 7.97 -6.24 -10.96
C LYS A 2 7.05 -5.03 -11.05
N LYS A 3 5.75 -5.28 -11.07
CA LYS A 3 4.76 -4.21 -11.16
C LYS A 3 4.73 -3.37 -9.88
N LEU A 4 5.41 -3.85 -8.85
CA LEU A 4 5.44 -3.15 -7.56
C LEU A 4 5.92 -1.71 -7.73
N HIS A 5 6.67 -1.45 -8.81
CA HIS A 5 7.17 -0.11 -9.08
C HIS A 5 6.06 0.84 -9.49
N PHE A 6 5.30 0.46 -10.52
CA PHE A 6 4.21 1.29 -11.01
C PHE A 6 3.08 1.35 -9.99
N MET A 7 2.99 0.34 -9.14
CA MET A 7 1.95 0.28 -8.11
C MET A 7 2.31 1.18 -6.94
N TYR A 8 3.62 1.37 -6.73
CA TYR A 8 4.11 2.21 -5.64
C TYR A 8 3.72 3.67 -5.86
N VAL A 9 3.86 4.13 -7.09
CA VAL A 9 3.54 5.52 -7.44
C VAL A 9 2.03 5.70 -7.60
N GLY A 10 1.32 4.61 -7.85
CA GLY A 10 -0.12 4.68 -8.02
C GLY A 10 -0.86 4.72 -6.69
N GLY A 11 -0.11 4.61 -5.60
CA GLY A 11 -0.72 4.64 -4.28
C GLY A 11 -1.05 3.26 -3.76
N GLY A 12 -1.23 3.15 -2.45
CA GLY A 12 -1.56 1.87 -1.85
C GLY A 12 -0.45 0.84 -2.04
N GLY A 13 0.80 1.28 -1.86
CA GLY A 13 1.93 0.38 -2.02
C GLY A 13 2.15 -0.52 -0.82
N PHE A 14 1.68 -0.08 0.35
CA PHE A 14 1.85 -0.85 1.58
C PHE A 14 0.72 -1.88 1.73
N VAL A 15 -0.53 -1.42 1.60
CA VAL A 15 -1.68 -2.31 1.71
C VAL A 15 -1.49 -3.52 0.81
N LEU A 16 -0.77 -3.31 -0.29
CA LEU A 16 -0.49 -4.36 -1.24
C LEU A 16 0.19 -5.54 -0.53
N LEU A 17 1.17 -5.21 0.31
CA LEU A 17 1.91 -6.22 1.07
C LEU A 17 0.97 -7.11 1.86
N PHE A 18 -0.13 -6.53 2.32
CA PHE A 18 -1.12 -7.26 3.12
C PHE A 18 -1.75 -8.38 2.29
N PHE A 19 -1.94 -8.14 1.00
CA PHE A 19 -2.54 -9.13 0.11
C PHE A 19 -1.51 -10.16 -0.34
N VAL A 20 -0.24 -9.78 -0.30
CA VAL A 20 0.84 -10.67 -0.72
C VAL A 20 1.16 -11.72 0.35
N GLY A 21 1.25 -11.29 1.60
CA GLY A 21 1.55 -12.20 2.68
C GLY A 21 0.58 -13.35 2.76
N CYS A 22 -0.66 -13.12 2.34
CA CYS A 22 -1.68 -14.16 2.36
C CYS A 22 -1.31 -15.33 1.46
N GLY A 23 -0.72 -15.00 0.31
CA GLY A 23 -0.32 -16.04 -0.64
C GLY A 23 0.96 -16.74 -0.23
N VAL A 24 1.81 -16.05 0.54
CA VAL A 24 3.07 -16.61 1.00
C VAL A 24 2.84 -17.78 1.95
N LEU A 25 1.69 -17.75 2.65
CA LEU A 25 1.36 -18.81 3.60
C LEU A 25 1.24 -20.16 2.90
N LEU A 26 0.99 -20.12 1.58
CA LEU A 26 0.85 -21.34 0.80
C LEU A 26 2.21 -22.00 0.56
N SER A 27 3.20 -21.20 0.20
CA SER A 27 4.55 -21.70 -0.06
C SER A 27 5.13 -22.37 1.18
N LYS A 28 4.64 -21.98 2.35
CA LYS A 28 5.12 -22.54 3.60
C LYS A 28 4.45 -23.88 3.90
N LYS A 29 3.25 -24.06 3.35
CA LYS A 29 2.50 -25.30 3.56
C LYS A 29 3.01 -26.39 2.63
N LYS A 30 4.16 -26.97 2.98
CA LYS A 30 4.76 -28.04 2.19
C LYS A 30 5.00 -27.58 0.75
N LYS A 1 8.67 -6.96 -13.44
CA LYS A 1 9.33 -6.41 -12.24
C LYS A 1 9.23 -4.89 -12.19
N LYS A 2 9.24 -4.26 -13.36
CA LYS A 2 9.15 -2.81 -13.47
C LYS A 2 7.75 -2.33 -13.09
N LYS A 3 6.78 -3.23 -13.15
CA LYS A 3 5.40 -2.89 -12.82
C LYS A 3 5.25 -2.70 -11.32
N LEU A 4 6.23 -3.18 -10.56
CA LEU A 4 6.21 -3.06 -9.11
C LEU A 4 6.23 -1.59 -8.69
N HIS A 5 7.16 -0.84 -9.24
CA HIS A 5 7.29 0.59 -8.92
C HIS A 5 6.02 1.35 -9.29
N PHE A 6 5.49 1.07 -10.47
CA PHE A 6 4.28 1.73 -10.95
C PHE A 6 3.11 1.47 -10.01
N MET A 7 3.05 0.26 -9.45
CA MET A 7 1.98 -0.11 -8.54
C MET A 7 2.11 0.64 -7.22
N TYR A 8 3.33 0.69 -6.69
CA TYR A 8 3.59 1.39 -5.43
C TYR A 8 3.23 2.86 -5.54
N VAL A 9 3.56 3.46 -6.68
CA VAL A 9 3.27 4.88 -6.91
C VAL A 9 1.85 5.08 -7.41
N GLY A 10 1.19 3.98 -7.76
CA GLY A 10 -0.17 4.06 -8.25
C GLY A 10 -1.19 3.68 -7.20
N GLY A 11 -0.71 3.24 -6.04
CA GLY A 11 -1.61 2.84 -4.96
C GLY A 11 -0.89 2.11 -3.85
N GLY A 12 0.07 2.78 -3.21
CA GLY A 12 0.82 2.18 -2.13
C GLY A 12 1.56 3.20 -1.30
N GLY A 13 1.96 4.30 -1.93
CA GLY A 13 2.67 5.35 -1.23
C GLY A 13 1.75 6.28 -0.45
N PHE A 14 0.49 6.33 -0.86
CA PHE A 14 -0.50 7.20 -0.21
C PHE A 14 -0.97 6.64 1.13
N VAL A 15 -1.18 5.32 1.19
CA VAL A 15 -1.64 4.69 2.42
C VAL A 15 -0.79 5.08 3.62
N LEU A 16 0.47 5.42 3.37
CA LEU A 16 1.37 5.84 4.44
C LEU A 16 0.73 6.94 5.27
N LEU A 17 0.09 7.89 4.58
CA LEU A 17 -0.59 8.99 5.24
C LEU A 17 -1.64 8.48 6.22
N PHE A 18 -2.33 7.41 5.82
CA PHE A 18 -3.35 6.81 6.66
C PHE A 18 -2.73 6.25 7.94
N PHE A 19 -1.49 5.77 7.82
CA PHE A 19 -0.77 5.22 8.96
C PHE A 19 -0.27 6.34 9.88
N VAL A 20 -0.01 7.50 9.28
CA VAL A 20 0.47 8.65 10.04
C VAL A 20 -0.64 9.21 10.94
N GLY A 21 -1.88 9.12 10.47
CA GLY A 21 -3.01 9.61 11.24
C GLY A 21 -3.12 8.96 12.61
N CYS A 22 -2.68 7.71 12.70
CA CYS A 22 -2.75 6.97 13.96
C CYS A 22 -1.80 7.60 14.99
N GLY A 23 -0.69 8.16 14.52
CA GLY A 23 0.26 8.78 15.41
C GLY A 23 -0.16 10.16 15.85
N VAL A 24 -1.06 10.77 15.09
CA VAL A 24 -1.55 12.11 15.39
C VAL A 24 -2.35 12.12 16.69
N LEU A 25 -3.38 11.28 16.75
CA LEU A 25 -4.23 11.19 17.94
C LEU A 25 -3.44 10.66 19.14
N LEU A 26 -2.37 9.93 18.86
CA LEU A 26 -1.53 9.35 19.90
C LEU A 26 -0.88 10.46 20.73
N SER A 27 -0.70 11.63 20.11
CA SER A 27 -0.09 12.77 20.78
C SER A 27 -1.01 13.33 21.86
N LYS A 28 -2.31 13.28 21.60
CA LYS A 28 -3.30 13.80 22.55
C LYS A 28 -3.39 12.90 23.77
N LYS A 29 -3.45 11.58 23.55
CA LYS A 29 -3.54 10.62 24.63
C LYS A 29 -2.18 10.40 25.28
N LYS A 30 -2.12 10.52 26.60
CA LYS A 30 -0.88 10.33 27.34
C LYS A 30 -0.66 8.86 27.67
N LYS A 1 10.63 -6.39 -11.55
CA LYS A 1 10.27 -5.42 -10.49
C LYS A 1 10.05 -4.03 -11.08
N LYS A 2 9.85 -3.98 -12.39
CA LYS A 2 9.62 -2.71 -13.08
C LYS A 2 8.17 -2.28 -12.96
N LYS A 3 7.26 -3.24 -13.03
CA LYS A 3 5.84 -2.97 -12.94
C LYS A 3 5.39 -2.86 -11.48
N LEU A 4 6.25 -3.32 -10.57
CA LEU A 4 5.94 -3.28 -9.15
C LEU A 4 5.97 -1.84 -8.64
N HIS A 5 6.99 -1.10 -9.02
CA HIS A 5 7.13 0.30 -8.61
C HIS A 5 5.99 1.15 -9.14
N PHE A 6 5.45 0.76 -10.29
CA PHE A 6 4.35 1.49 -10.92
C PHE A 6 3.10 1.40 -10.05
N MET A 7 2.98 0.29 -9.32
CA MET A 7 1.82 0.09 -8.44
C MET A 7 2.00 0.85 -7.13
N TYR A 8 3.26 1.04 -6.74
CA TYR A 8 3.58 1.76 -5.51
C TYR A 8 3.11 3.21 -5.59
N VAL A 9 3.45 3.88 -6.68
CA VAL A 9 3.06 5.26 -6.89
C VAL A 9 1.55 5.39 -7.06
N GLY A 10 0.89 4.28 -7.36
CA GLY A 10 -0.54 4.29 -7.54
C GLY A 10 -1.29 3.91 -6.28
N GLY A 11 -0.56 3.77 -5.18
CA GLY A 11 -1.18 3.43 -3.92
C GLY A 11 -0.16 2.98 -2.88
N GLY A 12 -0.28 1.74 -2.44
CA GLY A 12 0.64 1.22 -1.44
C GLY A 12 0.79 -0.29 -1.54
N GLY A 13 1.30 -0.76 -2.67
CA GLY A 13 1.48 -2.19 -2.86
C GLY A 13 2.74 -2.72 -2.20
N PHE A 14 3.71 -1.83 -1.98
CA PHE A 14 4.97 -2.24 -1.36
C PHE A 14 4.85 -2.22 0.16
N VAL A 15 4.28 -1.15 0.71
CA VAL A 15 4.11 -1.03 2.15
C VAL A 15 3.43 -2.28 2.70
N LEU A 16 2.65 -2.94 1.84
CA LEU A 16 1.96 -4.16 2.21
C LEU A 16 2.97 -5.22 2.60
N LEU A 17 4.03 -5.34 1.81
CA LEU A 17 5.09 -6.32 2.07
C LEU A 17 5.70 -6.09 3.45
N PHE A 18 5.70 -4.83 3.89
CA PHE A 18 6.25 -4.48 5.19
C PHE A 18 5.49 -5.17 6.31
N PHE A 19 4.18 -5.33 6.13
CA PHE A 19 3.33 -5.98 7.12
C PHE A 19 3.45 -7.50 7.00
N VAL A 20 3.52 -7.99 5.77
CA VAL A 20 3.64 -9.42 5.52
C VAL A 20 4.98 -9.95 6.03
N GLY A 21 5.96 -9.06 6.11
CA GLY A 21 7.28 -9.44 6.58
C GLY A 21 7.34 -9.61 8.09
N CYS A 22 6.33 -9.11 8.79
CA CYS A 22 6.28 -9.21 10.25
C CYS A 22 6.59 -10.63 10.72
N GLY A 23 6.11 -11.62 9.97
CA GLY A 23 6.34 -13.00 10.32
C GLY A 23 7.74 -13.46 9.95
N VAL A 24 8.28 -12.90 8.88
CA VAL A 24 9.62 -13.25 8.41
C VAL A 24 10.68 -12.71 9.35
N LEU A 25 10.39 -11.56 9.97
CA LEU A 25 11.32 -10.93 10.89
C LEU A 25 11.57 -11.81 12.11
N LEU A 26 10.61 -12.70 12.39
CA LEU A 26 10.72 -13.62 13.52
C LEU A 26 11.96 -14.50 13.39
N SER A 27 12.41 -14.69 12.15
CA SER A 27 13.59 -15.52 11.88
C SER A 27 14.86 -14.72 12.12
N LYS A 28 14.82 -13.42 11.80
CA LYS A 28 15.98 -12.56 11.97
C LYS A 28 16.34 -12.42 13.46
N LYS A 29 15.37 -12.69 14.31
CA LYS A 29 15.58 -12.62 15.75
C LYS A 29 16.13 -13.92 16.31
N LYS A 30 17.35 -13.89 16.81
CA LYS A 30 18.00 -15.08 17.37
C LYS A 30 18.05 -16.20 16.33
N LYS A 1 10.57 -3.21 -14.87
CA LYS A 1 10.91 -2.58 -13.56
C LYS A 1 9.98 -1.41 -13.28
N LYS A 2 10.10 -0.36 -14.09
CA LYS A 2 9.27 0.84 -13.92
C LYS A 2 7.78 0.50 -14.03
N LYS A 3 7.48 -0.70 -14.51
CA LYS A 3 6.10 -1.14 -14.67
C LYS A 3 5.52 -1.61 -13.34
N LEU A 4 6.29 -2.43 -12.61
CA LEU A 4 5.84 -2.95 -11.32
C LEU A 4 6.00 -1.91 -10.22
N HIS A 5 6.92 -0.97 -10.41
CA HIS A 5 7.16 0.08 -9.43
C HIS A 5 6.00 1.06 -9.37
N PHE A 6 5.16 1.04 -10.41
CA PHE A 6 4.01 1.92 -10.47
C PHE A 6 2.99 1.59 -9.39
N MET A 7 3.01 0.34 -8.93
CA MET A 7 2.09 -0.12 -7.90
C MET A 7 2.39 0.57 -6.57
N TYR A 8 3.62 1.05 -6.41
CA TYR A 8 4.03 1.73 -5.19
C TYR A 8 3.44 3.13 -5.12
N VAL A 9 3.44 3.83 -6.25
CA VAL A 9 2.92 5.19 -6.31
C VAL A 9 1.42 5.18 -6.57
N GLY A 10 0.91 4.06 -7.08
CA GLY A 10 -0.51 3.95 -7.37
C GLY A 10 -1.24 3.12 -6.34
N GLY A 11 -0.53 2.72 -5.29
CA GLY A 11 -1.15 1.92 -4.24
C GLY A 11 -0.15 1.46 -3.20
N GLY A 12 0.36 2.41 -2.41
CA GLY A 12 1.33 2.07 -1.37
C GLY A 12 1.39 3.11 -0.28
N GLY A 13 2.24 4.12 -0.48
CA GLY A 13 2.38 5.17 0.51
C GLY A 13 1.26 6.19 0.46
N PHE A 14 0.63 6.29 -0.70
CA PHE A 14 -0.48 7.25 -0.88
C PHE A 14 -1.77 6.70 -0.29
N VAL A 15 -1.90 5.37 -0.27
CA VAL A 15 -3.10 4.73 0.26
C VAL A 15 -3.25 4.99 1.76
N LEU A 16 -2.15 5.33 2.43
CA LEU A 16 -2.19 5.61 3.86
C LEU A 16 -3.19 6.72 4.15
N LEU A 17 -3.30 7.68 3.24
CA LEU A 17 -4.23 8.78 3.40
C LEU A 17 -5.64 8.22 3.54
N PHE A 18 -5.87 7.08 2.91
CA PHE A 18 -7.14 6.40 2.97
C PHE A 18 -7.25 5.63 4.28
N PHE A 19 -6.09 5.24 4.82
CA PHE A 19 -6.03 4.50 6.08
C PHE A 19 -6.23 5.46 7.25
N VAL A 20 -5.82 6.72 7.05
CA VAL A 20 -5.95 7.75 8.07
C VAL A 20 -7.34 8.38 8.03
N GLY A 21 -7.82 8.62 6.80
CA GLY A 21 -9.13 9.22 6.63
C GLY A 21 -10.25 8.31 7.05
N CYS A 22 -9.95 7.01 7.12
CA CYS A 22 -10.94 6.01 7.52
C CYS A 22 -11.57 6.37 8.87
N GLY A 23 -10.71 6.67 9.83
CA GLY A 23 -11.19 7.04 11.16
C GLY A 23 -11.93 8.36 11.15
N VAL A 24 -11.62 9.20 10.17
CA VAL A 24 -12.25 10.50 10.05
C VAL A 24 -13.70 10.36 9.59
N LEU A 25 -13.99 9.28 8.89
CA LEU A 25 -15.33 9.01 8.38
C LEU A 25 -16.31 8.84 9.54
N LEU A 26 -15.79 8.45 10.71
CA LEU A 26 -16.62 8.24 11.88
C LEU A 26 -16.82 9.54 12.65
N SER A 27 -15.82 10.41 12.61
CA SER A 27 -15.88 11.70 13.30
C SER A 27 -16.82 12.66 12.56
N LYS A 28 -16.89 12.53 11.24
CA LYS A 28 -17.74 13.38 10.43
C LYS A 28 -19.19 12.89 10.46
N LYS A 29 -19.37 11.59 10.68
CA LYS A 29 -20.69 11.00 10.74
C LYS A 29 -21.36 11.26 12.08
N LYS A 30 -22.38 12.13 12.07
CA LYS A 30 -23.10 12.47 13.29
C LYS A 30 -22.15 12.99 14.36
N LYS A 1 8.36 -6.93 -12.98
CA LYS A 1 9.51 -6.22 -12.36
C LYS A 1 9.23 -4.73 -12.24
N LYS A 2 8.97 -4.09 -13.37
CA LYS A 2 8.69 -2.66 -13.40
C LYS A 2 7.24 -2.40 -12.97
N LYS A 3 6.47 -3.47 -12.84
CA LYS A 3 5.07 -3.38 -12.44
C LYS A 3 4.93 -3.10 -10.96
N LEU A 4 5.86 -3.63 -10.16
CA LEU A 4 5.82 -3.45 -8.72
C LEU A 4 6.11 -2.00 -8.34
N HIS A 5 6.88 -1.31 -9.18
CA HIS A 5 7.23 0.09 -8.94
C HIS A 5 6.09 1.00 -9.35
N PHE A 6 5.17 0.48 -10.16
CA PHE A 6 4.03 1.26 -10.63
C PHE A 6 2.90 1.25 -9.61
N MET A 7 2.79 0.15 -8.86
CA MET A 7 1.75 0.01 -7.85
C MET A 7 2.07 0.86 -6.63
N TYR A 8 3.34 1.21 -6.46
CA TYR A 8 3.78 2.01 -5.33
C TYR A 8 3.46 3.49 -5.56
N VAL A 9 3.88 4.00 -6.71
CA VAL A 9 3.64 5.40 -7.05
C VAL A 9 2.15 5.67 -7.27
N GLY A 10 1.39 4.60 -7.44
CA GLY A 10 -0.05 4.74 -7.65
C GLY A 10 -0.79 5.10 -6.38
N GLY A 11 -0.10 5.04 -5.25
CA GLY A 11 -0.71 5.37 -3.98
C GLY A 11 -1.72 4.32 -3.54
N GLY A 12 -1.27 3.36 -2.74
CA GLY A 12 -2.15 2.31 -2.26
C GLY A 12 -2.34 1.21 -3.28
N GLY A 13 -1.23 0.59 -3.71
CA GLY A 13 -1.29 -0.48 -4.68
C GLY A 13 -1.66 -1.81 -4.06
N PHE A 14 -1.41 -1.95 -2.77
CA PHE A 14 -1.70 -3.20 -2.07
C PHE A 14 -3.15 -3.26 -1.58
N VAL A 15 -3.68 -2.12 -1.13
CA VAL A 15 -5.05 -2.05 -0.63
C VAL A 15 -6.04 -2.63 -1.62
N LEU A 16 -5.64 -2.72 -2.88
CA LEU A 16 -6.51 -3.28 -3.91
C LEU A 16 -6.87 -4.71 -3.55
N LEU A 17 -5.86 -5.51 -3.19
CA LEU A 17 -6.05 -6.90 -2.81
C LEU A 17 -7.07 -7.03 -1.67
N PHE A 18 -7.34 -5.92 -1.01
CA PHE A 18 -8.31 -5.92 0.09
C PHE A 18 -9.73 -5.80 -0.46
N PHE A 19 -9.88 -5.00 -1.51
CA PHE A 19 -11.18 -4.80 -2.15
C PHE A 19 -11.51 -5.90 -3.14
N VAL A 20 -10.47 -6.53 -3.70
CA VAL A 20 -10.65 -7.59 -4.68
C VAL A 20 -11.51 -8.74 -4.12
N GLY A 21 -11.43 -8.95 -2.82
CA GLY A 21 -12.19 -10.02 -2.19
C GLY A 21 -13.64 -9.63 -1.92
N CYS A 22 -13.89 -8.33 -1.80
CA CYS A 22 -15.24 -7.83 -1.54
C CYS A 22 -16.19 -8.22 -2.67
N GLY A 23 -15.77 -7.96 -3.90
CA GLY A 23 -16.61 -8.28 -5.04
C GLY A 23 -16.88 -9.77 -5.18
N VAL A 24 -15.94 -10.58 -4.69
CA VAL A 24 -16.09 -12.03 -4.75
C VAL A 24 -17.23 -12.51 -3.86
N LEU A 25 -17.40 -11.86 -2.72
CA LEU A 25 -18.47 -12.23 -1.79
C LEU A 25 -19.84 -11.95 -2.37
N LEU A 26 -19.92 -10.93 -3.23
CA LEU A 26 -21.18 -10.55 -3.85
C LEU A 26 -21.44 -11.38 -5.10
N SER A 27 -20.37 -11.95 -5.66
CA SER A 27 -20.48 -12.77 -6.86
C SER A 27 -21.07 -14.14 -6.54
N LYS A 28 -20.85 -14.60 -5.30
CA LYS A 28 -21.35 -15.89 -4.86
C LYS A 28 -22.67 -15.73 -4.10
N LYS A 29 -22.72 -14.72 -3.24
CA LYS A 29 -23.92 -14.47 -2.45
C LYS A 29 -24.88 -13.55 -3.19
N LYS A 30 -26.09 -14.04 -3.45
CA LYS A 30 -27.09 -13.26 -4.15
C LYS A 30 -28.51 -13.74 -3.80
N LYS A 1 12.07 -2.23 -14.02
CA LYS A 1 12.11 -1.92 -12.57
C LYS A 1 11.19 -0.76 -12.23
N LYS A 2 11.03 0.16 -13.18
CA LYS A 2 10.17 1.32 -12.99
C LYS A 2 8.71 0.96 -13.25
N LYS A 3 8.49 -0.16 -13.92
CA LYS A 3 7.14 -0.62 -14.24
C LYS A 3 6.49 -1.27 -13.02
N LEU A 4 7.28 -1.98 -12.24
CA LEU A 4 6.77 -2.66 -11.05
C LEU A 4 6.74 -1.71 -9.85
N HIS A 5 7.43 -0.58 -9.96
CA HIS A 5 7.47 0.40 -8.89
C HIS A 5 6.25 1.31 -8.92
N PHE A 6 5.67 1.47 -10.11
CA PHE A 6 4.49 2.32 -10.27
C PHE A 6 3.24 1.64 -9.72
N MET A 7 3.25 0.31 -9.73
CA MET A 7 2.12 -0.46 -9.21
C MET A 7 2.08 -0.43 -7.69
N TYR A 8 3.26 -0.25 -7.08
CA TYR A 8 3.36 -0.20 -5.63
C TYR A 8 2.86 1.15 -5.10
N VAL A 9 3.29 2.23 -5.74
CA VAL A 9 2.88 3.56 -5.33
C VAL A 9 1.40 3.80 -5.62
N GLY A 10 0.79 2.87 -6.36
CA GLY A 10 -0.62 3.00 -6.69
C GLY A 10 -1.51 2.65 -5.52
N GLY A 11 -0.91 2.19 -4.43
CA GLY A 11 -1.67 1.83 -3.24
C GLY A 11 -1.20 2.56 -2.00
N GLY A 12 -0.18 2.02 -1.34
CA GLY A 12 0.34 2.64 -0.15
C GLY A 12 1.20 3.85 -0.45
N GLY A 13 1.52 4.05 -1.72
CA GLY A 13 2.33 5.18 -2.12
C GLY A 13 1.69 6.50 -1.80
N PHE A 14 0.35 6.51 -1.71
CA PHE A 14 -0.39 7.72 -1.41
C PHE A 14 -0.21 8.11 0.06
N VAL A 15 -0.09 7.10 0.92
CA VAL A 15 0.08 7.33 2.35
C VAL A 15 1.26 8.26 2.62
N LEU A 16 2.19 8.32 1.67
CA LEU A 16 3.35 9.18 1.82
C LEU A 16 2.90 10.62 2.04
N LEU A 17 1.98 11.07 1.20
CA LEU A 17 1.43 12.42 1.29
C LEU A 17 0.81 12.68 2.66
N PHE A 18 0.55 11.60 3.40
CA PHE A 18 -0.02 11.73 4.73
C PHE A 18 1.08 12.05 5.74
N PHE A 19 2.26 11.49 5.51
CA PHE A 19 3.41 11.71 6.38
C PHE A 19 4.14 13.02 6.02
N VAL A 20 4.09 13.39 4.74
CA VAL A 20 4.75 14.60 4.27
C VAL A 20 4.26 15.83 5.02
N GLY A 21 3.00 15.80 5.43
CA GLY A 21 2.41 16.92 6.14
C GLY A 21 3.20 17.30 7.38
N CYS A 22 3.88 16.34 7.98
CA CYS A 22 4.68 16.59 9.18
C CYS A 22 5.82 17.57 8.89
N GLY A 23 6.40 17.46 7.71
CA GLY A 23 7.49 18.33 7.32
C GLY A 23 7.02 19.66 6.79
N VAL A 24 5.86 19.66 6.14
CA VAL A 24 5.30 20.89 5.57
C VAL A 24 4.92 21.88 6.66
N LEU A 25 4.32 21.38 7.74
CA LEU A 25 3.90 22.23 8.85
C LEU A 25 5.10 22.85 9.56
N LEU A 26 6.25 22.18 9.48
CA LEU A 26 7.46 22.67 10.12
C LEU A 26 7.88 24.01 9.53
N SER A 27 7.59 24.22 8.25
CA SER A 27 7.94 25.47 7.58
C SER A 27 6.98 26.59 7.97
N LYS A 28 5.69 26.27 8.02
CA LYS A 28 4.66 27.24 8.38
C LYS A 28 4.19 27.05 9.81
N LYS A 29 5.11 26.60 10.67
CA LYS A 29 4.78 26.36 12.07
C LYS A 29 4.61 27.69 12.81
N LYS A 30 5.35 28.70 12.37
CA LYS A 30 5.30 30.03 13.00
C LYS A 30 5.64 29.95 14.48
N LYS A 1 8.96 -8.13 -10.64
CA LYS A 1 8.51 -6.99 -9.81
C LYS A 1 8.57 -5.68 -10.59
N LYS A 2 8.41 -5.77 -11.90
CA LYS A 2 8.44 -4.59 -12.77
C LYS A 2 7.20 -3.73 -12.55
N LYS A 3 6.09 -4.38 -12.23
CA LYS A 3 4.83 -3.68 -11.99
C LYS A 3 4.78 -3.14 -10.56
N LEU A 4 5.68 -3.64 -9.73
CA LEU A 4 5.74 -3.23 -8.33
C LEU A 4 6.10 -1.75 -8.21
N HIS A 5 7.00 -1.29 -9.08
CA HIS A 5 7.44 0.10 -9.07
C HIS A 5 6.35 1.02 -9.58
N PHE A 6 5.40 0.47 -10.34
CA PHE A 6 4.31 1.25 -10.88
C PHE A 6 3.18 1.40 -9.88
N MET A 7 2.88 0.32 -9.17
CA MET A 7 1.81 0.33 -8.17
C MET A 7 2.15 1.25 -7.01
N TYR A 8 3.43 1.52 -6.82
CA TYR A 8 3.88 2.39 -5.74
C TYR A 8 3.29 3.79 -5.88
N VAL A 9 3.34 4.33 -7.09
CA VAL A 9 2.81 5.66 -7.35
C VAL A 9 1.28 5.61 -7.51
N GLY A 10 0.76 4.41 -7.71
CA GLY A 10 -0.68 4.25 -7.88
C GLY A 10 -1.43 4.35 -6.57
N GLY A 11 -0.70 4.32 -5.47
CA GLY A 11 -1.33 4.42 -4.16
C GLY A 11 -0.58 3.65 -3.10
N GLY A 12 -1.32 2.91 -2.27
CA GLY A 12 -0.69 2.13 -1.22
C GLY A 12 -0.20 0.78 -1.71
N GLY A 13 0.84 0.79 -2.52
CA GLY A 13 1.39 -0.45 -3.05
C GLY A 13 2.28 -1.16 -2.05
N PHE A 14 2.86 -0.40 -1.12
CA PHE A 14 3.74 -0.98 -0.11
C PHE A 14 2.92 -1.68 0.97
N VAL A 15 1.73 -1.14 1.26
CA VAL A 15 0.85 -1.72 2.26
C VAL A 15 0.61 -3.21 1.99
N LEU A 16 0.74 -3.60 0.73
CA LEU A 16 0.55 -5.00 0.37
C LEU A 16 1.52 -5.87 1.16
N LEU A 17 2.79 -5.47 1.17
CA LEU A 17 3.83 -6.20 1.89
C LEU A 17 3.47 -6.33 3.37
N PHE A 18 2.52 -5.53 3.83
CA PHE A 18 2.10 -5.59 5.22
C PHE A 18 1.06 -6.70 5.40
N PHE A 19 0.23 -6.88 4.38
CA PHE A 19 -0.80 -7.91 4.39
C PHE A 19 -0.24 -9.28 3.99
N VAL A 20 0.79 -9.27 3.15
CA VAL A 20 1.41 -10.49 2.67
C VAL A 20 1.91 -11.35 3.82
N GLY A 21 2.32 -10.70 4.91
CA GLY A 21 2.81 -11.42 6.07
C GLY A 21 1.79 -12.42 6.62
N CYS A 22 0.51 -12.14 6.38
CA CYS A 22 -0.55 -13.02 6.85
C CYS A 22 -0.70 -14.22 5.93
N GLY A 23 -0.32 -14.06 4.66
CA GLY A 23 -0.42 -15.15 3.71
C GLY A 23 0.77 -16.08 3.77
N VAL A 24 1.89 -15.59 4.29
CA VAL A 24 3.10 -16.40 4.40
C VAL A 24 2.86 -17.65 5.23
N LEU A 25 1.99 -17.52 6.24
CA LEU A 25 1.67 -18.64 7.11
C LEU A 25 0.69 -19.59 6.45
N LEU A 26 -0.07 -19.08 5.47
CA LEU A 26 -1.05 -19.88 4.76
C LEU A 26 -0.38 -20.70 3.65
N SER A 27 0.71 -20.19 3.11
CA SER A 27 1.44 -20.87 2.05
C SER A 27 2.24 -22.05 2.62
N LYS A 28 2.70 -21.91 3.85
CA LYS A 28 3.48 -22.95 4.51
C LYS A 28 2.56 -23.94 5.22
N LYS A 29 1.33 -23.51 5.47
CA LYS A 29 0.35 -24.35 6.17
C LYS A 29 -0.04 -25.56 5.31
N LYS A 30 -0.26 -25.32 4.04
CA LYS A 30 -0.63 -26.39 3.11
C LYS A 30 0.59 -27.18 2.66
N LYS A 1 11.44 -4.10 -8.32
CA LYS A 1 11.21 -4.25 -9.77
C LYS A 1 10.45 -3.04 -10.33
N LYS A 2 10.97 -2.48 -11.41
CA LYS A 2 10.36 -1.31 -12.04
C LYS A 2 8.91 -1.57 -12.43
N LYS A 3 8.52 -2.84 -12.44
CA LYS A 3 7.15 -3.22 -12.79
C LYS A 3 6.22 -3.03 -11.61
N LEU A 4 6.60 -3.57 -10.46
CA LEU A 4 5.78 -3.46 -9.25
C LEU A 4 5.86 -2.04 -8.68
N HIS A 5 6.87 -1.28 -9.08
CA HIS A 5 7.06 0.08 -8.60
C HIS A 5 5.96 0.99 -9.15
N PHE A 6 5.37 0.61 -10.28
CA PHE A 6 4.32 1.39 -10.90
C PHE A 6 3.04 1.34 -10.05
N MET A 7 2.83 0.23 -9.37
CA MET A 7 1.66 0.06 -8.52
C MET A 7 1.82 0.85 -7.23
N TYR A 8 3.07 1.12 -6.86
CA TYR A 8 3.37 1.88 -5.66
C TYR A 8 3.01 3.35 -5.83
N VAL A 9 3.41 3.91 -6.97
CA VAL A 9 3.13 5.32 -7.26
C VAL A 9 1.67 5.53 -7.64
N GLY A 10 0.94 4.43 -7.80
CA GLY A 10 -0.46 4.52 -8.15
C GLY A 10 -1.38 4.22 -6.98
N GLY A 11 -0.79 3.83 -5.86
CA GLY A 11 -1.57 3.51 -4.67
C GLY A 11 -0.94 4.07 -3.41
N GLY A 12 -0.30 3.19 -2.63
CA GLY A 12 0.33 3.62 -1.40
C GLY A 12 1.02 2.46 -0.68
N GLY A 13 2.34 2.41 -0.80
CA GLY A 13 3.09 1.34 -0.15
C GLY A 13 3.08 1.47 1.36
N PHE A 14 3.09 2.70 1.85
CA PHE A 14 3.08 2.95 3.29
C PHE A 14 1.73 2.53 3.89
N VAL A 15 0.67 2.72 3.11
CA VAL A 15 -0.67 2.36 3.57
C VAL A 15 -0.72 0.93 4.09
N LEU A 16 0.20 0.10 3.61
CA LEU A 16 0.27 -1.28 4.05
C LEU A 16 0.45 -1.33 5.57
N LEU A 17 1.38 -0.51 6.07
CA LEU A 17 1.65 -0.41 7.50
C LEU A 17 0.41 -0.01 8.27
N PHE A 18 -0.58 0.51 7.55
CA PHE A 18 -1.84 0.90 8.17
C PHE A 18 -2.73 -0.32 8.33
N PHE A 19 -2.64 -1.24 7.36
CA PHE A 19 -3.42 -2.47 7.39
C PHE A 19 -2.75 -3.53 8.26
N VAL A 20 -1.43 -3.47 8.38
CA VAL A 20 -0.68 -4.44 9.17
C VAL A 20 -1.18 -4.49 10.61
N GLY A 21 -1.66 -3.37 11.11
CA GLY A 21 -2.18 -3.30 12.46
C GLY A 21 -3.28 -4.31 12.71
N CYS A 22 -4.05 -4.60 11.67
CA CYS A 22 -5.14 -5.56 11.78
C CYS A 22 -4.62 -6.94 12.15
N GLY A 23 -3.48 -7.31 11.57
CA GLY A 23 -2.89 -8.60 11.84
C GLY A 23 -2.38 -8.70 13.27
N VAL A 24 -2.15 -7.55 13.89
CA VAL A 24 -1.66 -7.50 15.27
C VAL A 24 -2.75 -7.95 16.24
N LEU A 25 -3.99 -7.58 15.94
CA LEU A 25 -5.13 -7.95 16.78
C LEU A 25 -5.60 -9.36 16.47
N LEU A 26 -5.28 -9.83 15.27
CA LEU A 26 -5.68 -11.17 14.85
C LEU A 26 -4.93 -12.24 15.64
N SER A 27 -3.68 -11.95 16.00
CA SER A 27 -2.87 -12.88 16.77
C SER A 27 -3.51 -13.17 18.13
N LYS A 28 -3.75 -12.12 18.90
CA LYS A 28 -4.36 -12.25 20.22
C LYS A 28 -5.87 -12.40 20.12
N LYS A 29 -6.52 -11.35 19.60
CA LYS A 29 -7.98 -11.35 19.44
C LYS A 29 -8.67 -11.58 20.78
N LYS A 30 -8.87 -10.49 21.52
CA LYS A 30 -9.53 -10.57 22.82
C LYS A 30 -10.82 -9.75 22.83
N LYS A 1 10.79 -5.28 -14.26
CA LYS A 1 10.92 -4.96 -12.82
C LYS A 1 10.31 -3.59 -12.50
N LYS A 2 10.19 -2.76 -13.53
CA LYS A 2 9.63 -1.42 -13.37
C LYS A 2 8.10 -1.48 -13.34
N LYS A 3 7.55 -2.59 -13.82
CA LYS A 3 6.10 -2.78 -13.85
C LYS A 3 5.50 -2.68 -12.46
N LEU A 4 6.12 -3.38 -11.50
CA LEU A 4 5.65 -3.37 -10.12
C LEU A 4 6.03 -2.06 -9.42
N HIS A 5 7.03 -1.38 -9.97
CA HIS A 5 7.51 -0.13 -9.39
C HIS A 5 6.46 0.97 -9.57
N PHE A 6 5.66 0.86 -10.62
CA PHE A 6 4.62 1.84 -10.90
C PHE A 6 3.40 1.60 -10.04
N MET A 7 3.26 0.36 -9.55
CA MET A 7 2.13 -0.01 -8.71
C MET A 7 2.27 0.58 -7.30
N TYR A 8 3.51 0.89 -6.93
CA TYR A 8 3.80 1.45 -5.61
C TYR A 8 3.07 2.78 -5.42
N VAL A 9 3.29 3.70 -6.35
CA VAL A 9 2.65 5.01 -6.29
C VAL A 9 1.13 4.89 -6.41
N GLY A 10 0.68 3.81 -7.05
CA GLY A 10 -0.74 3.59 -7.23
C GLY A 10 -1.43 3.18 -5.94
N GLY A 11 -0.69 2.47 -5.08
CA GLY A 11 -1.25 2.02 -3.82
C GLY A 11 -0.18 1.61 -2.83
N GLY A 12 0.08 2.47 -1.85
CA GLY A 12 1.09 2.17 -0.85
C GLY A 12 1.54 3.41 -0.09
N GLY A 13 2.26 4.29 -0.76
CA GLY A 13 2.74 5.50 -0.13
C GLY A 13 1.62 6.48 0.17
N PHE A 14 0.55 6.41 -0.62
CA PHE A 14 -0.59 7.31 -0.43
C PHE A 14 -1.54 6.75 0.63
N VAL A 15 -1.78 5.44 0.57
CA VAL A 15 -2.66 4.80 1.54
C VAL A 15 -2.17 5.08 2.95
N LEU A 16 -0.88 5.38 3.05
CA LEU A 16 -0.26 5.71 4.33
C LEU A 16 -0.93 6.95 4.90
N LEU A 17 -1.17 7.92 4.03
CA LEU A 17 -1.82 9.17 4.43
C LEU A 17 -3.19 8.89 5.03
N PHE A 18 -3.79 7.77 4.63
CA PHE A 18 -5.11 7.39 5.14
C PHE A 18 -5.06 7.15 6.64
N PHE A 19 -3.97 6.54 7.10
CA PHE A 19 -3.80 6.24 8.52
C PHE A 19 -3.40 7.49 9.29
N VAL A 20 -2.67 8.39 8.64
CA VAL A 20 -2.22 9.62 9.27
C VAL A 20 -3.39 10.55 9.57
N GLY A 21 -4.42 10.47 8.72
CA GLY A 21 -5.59 11.32 8.91
C GLY A 21 -6.48 10.85 10.04
N CYS A 22 -6.26 9.62 10.49
CA CYS A 22 -7.05 9.04 11.59
C CYS A 22 -6.91 9.89 12.85
N GLY A 23 -5.72 10.40 13.09
CA GLY A 23 -5.48 11.22 14.27
C GLY A 23 -6.02 12.63 14.12
N VAL A 24 -6.21 13.06 12.88
CA VAL A 24 -6.73 14.39 12.60
C VAL A 24 -8.19 14.52 13.02
N LEU A 25 -9.01 13.57 12.57
CA LEU A 25 -10.43 13.58 12.90
C LEU A 25 -10.64 13.37 14.39
N LEU A 26 -9.66 12.76 15.05
CA LEU A 26 -9.74 12.51 16.49
C LEU A 26 -9.67 13.82 17.27
N SER A 27 -8.98 14.80 16.70
CA SER A 27 -8.83 16.11 17.34
C SER A 27 -10.15 16.87 17.34
N LYS A 28 -10.96 16.62 16.32
CA LYS A 28 -12.26 17.29 16.21
C LYS A 28 -13.35 16.49 16.92
N LYS A 29 -13.05 15.23 17.20
CA LYS A 29 -14.01 14.36 17.88
C LYS A 29 -14.22 14.83 19.32
N LYS A 30 -15.44 15.28 19.61
CA LYS A 30 -15.79 15.77 20.95
C LYS A 30 -14.89 16.94 21.33
N LYS A 1 11.39 -5.76 -12.05
CA LYS A 1 11.20 -5.18 -10.69
C LYS A 1 10.64 -3.77 -10.76
N LYS A 2 10.59 -3.23 -11.98
CA LYS A 2 10.07 -1.87 -12.18
C LYS A 2 8.56 -1.84 -12.07
N LYS A 3 7.95 -3.03 -12.08
CA LYS A 3 6.50 -3.14 -11.97
C LYS A 3 6.04 -2.98 -10.53
N LEU A 4 6.92 -3.33 -9.59
CA LEU A 4 6.62 -3.23 -8.17
C LEU A 4 6.36 -1.77 -7.76
N HIS A 5 7.26 -0.89 -8.18
CA HIS A 5 7.14 0.53 -7.85
C HIS A 5 6.03 1.19 -8.68
N PHE A 6 5.63 0.53 -9.76
CA PHE A 6 4.59 1.06 -10.63
C PHE A 6 3.25 1.14 -9.89
N MET A 7 3.04 0.24 -8.94
CA MET A 7 1.80 0.22 -8.17
C MET A 7 1.69 1.45 -7.29
N TYR A 8 2.83 2.03 -6.94
CA TYR A 8 2.87 3.22 -6.10
C TYR A 8 2.12 4.37 -6.77
N VAL A 9 2.18 4.41 -8.09
CA VAL A 9 1.52 5.46 -8.86
C VAL A 9 0.09 5.05 -9.24
N GLY A 10 -0.11 3.74 -9.34
CA GLY A 10 -1.43 3.22 -9.70
C GLY A 10 -2.49 3.53 -8.67
N GLY A 11 -2.05 3.79 -7.43
CA GLY A 11 -2.98 4.09 -6.36
C GLY A 11 -2.62 3.38 -5.06
N GLY A 12 -2.82 4.07 -3.94
CA GLY A 12 -2.50 3.49 -2.66
C GLY A 12 -1.01 3.47 -2.37
N GLY A 13 -0.31 4.45 -2.93
CA GLY A 13 1.13 4.55 -2.73
C GLY A 13 1.50 5.17 -1.40
N PHE A 14 0.57 5.93 -0.82
CA PHE A 14 0.82 6.61 0.45
C PHE A 14 1.19 5.63 1.56
N VAL A 15 0.37 4.58 1.74
CA VAL A 15 0.62 3.58 2.79
C VAL A 15 2.05 3.05 2.74
N LEU A 16 2.68 3.13 1.58
CA LEU A 16 4.05 2.66 1.43
C LEU A 16 4.99 3.46 2.31
N LEU A 17 4.82 4.78 2.30
CA LEU A 17 5.64 5.68 3.10
C LEU A 17 5.59 5.29 4.58
N PHE A 18 4.62 4.46 4.94
CA PHE A 18 4.50 3.99 6.31
C PHE A 18 5.39 2.76 6.51
N PHE A 19 5.47 1.94 5.46
CA PHE A 19 6.29 0.74 5.48
C PHE A 19 7.76 1.05 5.17
N VAL A 20 8.01 2.17 4.50
CA VAL A 20 9.36 2.56 4.13
C VAL A 20 10.22 2.81 5.37
N GLY A 21 9.58 3.27 6.44
CA GLY A 21 10.30 3.55 7.67
C GLY A 21 10.99 2.33 8.25
N CYS A 22 10.22 1.25 8.41
CA CYS A 22 10.77 0.01 8.97
C CYS A 22 11.88 -0.55 8.08
N GLY A 23 11.87 -0.15 6.81
CA GLY A 23 12.87 -0.62 5.87
C GLY A 23 14.16 0.19 5.93
N VAL A 24 14.02 1.49 6.24
CA VAL A 24 15.17 2.38 6.32
C VAL A 24 15.93 2.16 7.63
N LEU A 25 15.20 1.84 8.69
CA LEU A 25 15.82 1.61 10.00
C LEU A 25 16.47 0.24 10.06
N LEU A 26 15.94 -0.70 9.29
CA LEU A 26 16.47 -2.07 9.25
C LEU A 26 17.84 -2.10 8.58
N SER A 27 17.96 -1.40 7.46
CA SER A 27 19.20 -1.34 6.72
C SER A 27 20.33 -0.72 7.54
N LYS A 28 20.08 0.49 8.05
CA LYS A 28 21.06 1.20 8.85
C LYS A 28 21.43 0.42 10.11
N LYS A 29 20.47 -0.33 10.64
CA LYS A 29 20.69 -1.13 11.84
C LYS A 29 21.85 -2.10 11.65
N LYS A 30 21.94 -2.68 10.46
CA LYS A 30 23.01 -3.63 10.15
C LYS A 30 24.37 -2.93 10.13
N LYS A 1 7.97 -7.59 -10.38
CA LYS A 1 9.30 -6.93 -10.27
C LYS A 1 9.25 -5.52 -10.85
N LYS A 2 8.94 -5.43 -12.14
CA LYS A 2 8.87 -4.14 -12.81
C LYS A 2 7.56 -3.43 -12.51
N LYS A 3 6.52 -4.22 -12.22
CA LYS A 3 5.21 -3.67 -11.91
C LYS A 3 5.16 -3.19 -10.47
N LEU A 4 6.17 -3.56 -9.69
CA LEU A 4 6.25 -3.19 -8.29
C LEU A 4 6.43 -1.67 -8.13
N HIS A 5 7.00 -1.05 -9.15
CA HIS A 5 7.25 0.39 -9.12
C HIS A 5 5.97 1.19 -9.39
N PHE A 6 5.34 0.92 -10.53
CA PHE A 6 4.12 1.62 -10.91
C PHE A 6 2.99 1.34 -9.92
N MET A 7 2.96 0.12 -9.40
CA MET A 7 1.93 -0.28 -8.46
C MET A 7 2.16 0.38 -7.09
N TYR A 8 3.41 0.78 -6.85
CA TYR A 8 3.76 1.42 -5.59
C TYR A 8 3.32 2.89 -5.59
N VAL A 9 3.58 3.58 -6.69
CA VAL A 9 3.21 4.99 -6.82
C VAL A 9 1.71 5.14 -7.04
N GLY A 10 1.06 4.05 -7.44
CA GLY A 10 -0.37 4.09 -7.69
C GLY A 10 -1.19 3.70 -6.46
N GLY A 11 -0.50 3.46 -5.36
CA GLY A 11 -1.19 3.07 -4.14
C GLY A 11 -0.33 3.30 -2.90
N GLY A 12 0.65 2.42 -2.69
CA GLY A 12 1.52 2.54 -1.54
C GLY A 12 1.77 1.20 -0.87
N GLY A 13 2.73 1.17 0.05
CA GLY A 13 3.06 -0.05 0.76
C GLY A 13 1.92 -0.56 1.62
N PHE A 14 1.35 0.33 2.44
CA PHE A 14 0.25 -0.05 3.32
C PHE A 14 -1.08 0.03 2.58
N VAL A 15 -1.27 1.09 1.79
CA VAL A 15 -2.50 1.27 1.03
C VAL A 15 -2.76 0.03 0.17
N LEU A 16 -1.69 -0.71 -0.09
CA LEU A 16 -1.78 -1.93 -0.87
C LEU A 16 -2.64 -2.95 -0.12
N LEU A 17 -2.41 -3.04 1.18
CA LEU A 17 -3.15 -3.97 2.04
C LEU A 17 -4.62 -3.59 2.09
N PHE A 18 -4.94 -2.36 1.71
CA PHE A 18 -6.32 -1.90 1.71
C PHE A 18 -7.16 -2.75 0.76
N PHE A 19 -6.56 -3.13 -0.35
CA PHE A 19 -7.24 -3.95 -1.36
C PHE A 19 -7.18 -5.44 -1.00
N VAL A 20 -6.02 -5.88 -0.52
CA VAL A 20 -5.83 -7.28 -0.15
C VAL A 20 -6.90 -7.77 0.84
N GLY A 21 -7.27 -6.90 1.76
CA GLY A 21 -8.28 -7.25 2.75
C GLY A 21 -9.58 -7.71 2.13
N CYS A 22 -9.97 -7.09 1.03
CA CYS A 22 -11.20 -7.45 0.34
C CYS A 22 -11.11 -8.85 -0.24
N GLY A 23 -9.91 -9.24 -0.66
CA GLY A 23 -9.72 -10.57 -1.22
C GLY A 23 -9.73 -11.66 -0.17
N VAL A 24 -9.51 -11.27 1.09
CA VAL A 24 -9.50 -12.22 2.19
C VAL A 24 -10.87 -12.86 2.39
N LEU A 25 -11.92 -12.04 2.28
CA LEU A 25 -13.28 -12.52 2.46
C LEU A 25 -13.68 -13.46 1.31
N LEU A 26 -13.10 -13.24 0.14
CA LEU A 26 -13.39 -14.06 -1.03
C LEU A 26 -12.94 -15.50 -0.81
N SER A 27 -12.04 -15.70 0.14
CA SER A 27 -11.54 -17.03 0.45
C SER A 27 -12.59 -17.84 1.21
N LYS A 28 -13.38 -17.16 2.02
CA LYS A 28 -14.42 -17.81 2.80
C LYS A 28 -15.73 -17.87 2.02
N LYS A 29 -15.88 -16.98 1.05
CA LYS A 29 -17.07 -16.92 0.22
C LYS A 29 -17.30 -18.25 -0.49
N LYS A 30 -16.36 -18.62 -1.36
CA LYS A 30 -16.45 -19.87 -2.11
C LYS A 30 -15.24 -20.75 -1.84
N LYS A 1 8.79 -7.65 -11.69
CA LYS A 1 9.32 -6.83 -10.57
C LYS A 1 9.20 -5.34 -10.90
N LYS A 2 9.01 -5.04 -12.18
CA LYS A 2 8.89 -3.66 -12.64
C LYS A 2 7.48 -3.12 -12.35
N LYS A 3 6.59 -4.02 -11.95
CA LYS A 3 5.20 -3.63 -11.65
C LYS A 3 5.10 -3.06 -10.24
N LEU A 4 6.04 -3.43 -9.38
CA LEU A 4 6.05 -2.96 -8.00
C LEU A 4 6.30 -1.45 -7.95
N HIS A 5 7.05 -0.96 -8.93
CA HIS A 5 7.37 0.47 -9.00
C HIS A 5 6.14 1.30 -9.31
N PHE A 6 5.26 0.77 -10.17
CA PHE A 6 4.04 1.47 -10.55
C PHE A 6 3.02 1.43 -9.42
N MET A 7 3.07 0.39 -8.60
CA MET A 7 2.15 0.24 -7.48
C MET A 7 2.48 1.24 -6.37
N TYR A 8 3.76 1.47 -6.16
CA TYR A 8 4.21 2.40 -5.13
C TYR A 8 3.81 3.83 -5.47
N VAL A 9 3.84 4.16 -6.76
CA VAL A 9 3.49 5.49 -7.22
C VAL A 9 2.00 5.59 -7.50
N GLY A 10 1.34 4.45 -7.63
CA GLY A 10 -0.08 4.43 -7.90
C GLY A 10 -0.91 4.72 -6.66
N GLY A 11 -0.25 4.81 -5.52
CA GLY A 11 -0.95 5.08 -4.28
C GLY A 11 -1.60 3.85 -3.68
N GLY A 12 -0.90 3.22 -2.73
CA GLY A 12 -1.43 2.02 -2.10
C GLY A 12 -1.10 0.76 -2.89
N GLY A 13 0.14 0.30 -2.75
CA GLY A 13 0.55 -0.91 -3.44
C GLY A 13 0.11 -2.18 -2.74
N PHE A 14 -0.12 -2.09 -1.43
CA PHE A 14 -0.52 -3.25 -0.65
C PHE A 14 -2.04 -3.46 -0.69
N VAL A 15 -2.80 -2.36 -0.70
CA VAL A 15 -4.25 -2.44 -0.74
C VAL A 15 -4.74 -3.31 -1.89
N LEU A 16 -3.89 -3.50 -2.89
CA LEU A 16 -4.25 -4.34 -4.04
C LEU A 16 -4.65 -5.72 -3.56
N LEU A 17 -3.81 -6.32 -2.72
CA LEU A 17 -4.04 -7.66 -2.17
C LEU A 17 -5.42 -7.75 -1.52
N PHE A 18 -6.02 -6.60 -1.25
CA PHE A 18 -7.35 -6.57 -0.65
C PHE A 18 -8.42 -6.70 -1.72
N PHE A 19 -8.18 -6.04 -2.85
CA PHE A 19 -9.10 -6.08 -3.98
C PHE A 19 -8.90 -7.32 -4.85
N VAL A 20 -7.72 -7.93 -4.77
CA VAL A 20 -7.41 -9.12 -5.56
C VAL A 20 -8.43 -10.22 -5.31
N GLY A 21 -9.01 -10.22 -4.11
CA GLY A 21 -9.99 -11.23 -3.76
C GLY A 21 -11.16 -11.27 -4.73
N CYS A 22 -11.44 -10.13 -5.36
CA CYS A 22 -12.53 -10.04 -6.32
C CYS A 22 -12.30 -10.98 -7.50
N GLY A 23 -11.07 -11.01 -8.00
CA GLY A 23 -10.73 -11.87 -9.12
C GLY A 23 -10.74 -13.33 -8.75
N VAL A 24 -10.50 -13.62 -7.46
CA VAL A 24 -10.47 -15.00 -6.99
C VAL A 24 -11.87 -15.61 -7.02
N LEU A 25 -12.86 -14.85 -6.54
CA LEU A 25 -14.24 -15.32 -6.52
C LEU A 25 -14.86 -15.22 -7.90
N LEU A 26 -14.32 -14.33 -8.73
CA LEU A 26 -14.83 -14.13 -10.09
C LEU A 26 -14.49 -15.33 -10.97
N SER A 27 -13.37 -15.98 -10.66
CA SER A 27 -12.93 -17.14 -11.43
C SER A 27 -13.72 -18.38 -11.01
N LYS A 28 -13.92 -18.54 -9.71
CA LYS A 28 -14.68 -19.67 -9.18
C LYS A 28 -16.17 -19.46 -9.36
N LYS A 29 -16.54 -18.25 -9.78
CA LYS A 29 -17.94 -17.90 -10.00
C LYS A 29 -18.57 -18.83 -11.04
N LYS A 30 -17.82 -19.08 -12.12
CA LYS A 30 -18.30 -19.95 -13.19
C LYS A 30 -19.63 -19.46 -13.75
N LYS A 1 8.42 -6.52 -12.42
CA LYS A 1 9.63 -5.69 -12.18
C LYS A 1 9.31 -4.21 -12.34
N LYS A 2 9.09 -3.79 -13.59
CA LYS A 2 8.78 -2.39 -13.88
C LYS A 2 7.39 -2.03 -13.36
N LYS A 3 6.45 -2.95 -13.51
CA LYS A 3 5.08 -2.73 -13.05
C LYS A 3 5.02 -2.73 -11.53
N LEU A 4 6.05 -3.29 -10.90
CA LEU A 4 6.11 -3.35 -9.44
C LEU A 4 6.21 -1.95 -8.85
N HIS A 5 7.16 -1.16 -9.36
CA HIS A 5 7.36 0.20 -8.88
C HIS A 5 6.13 1.06 -9.15
N PHE A 6 5.37 0.68 -10.18
CA PHE A 6 4.16 1.41 -10.55
C PHE A 6 3.10 1.28 -9.47
N MET A 7 3.14 0.17 -8.73
CA MET A 7 2.19 -0.07 -7.66
C MET A 7 2.45 0.85 -6.47
N TYR A 8 3.68 1.34 -6.37
CA TYR A 8 4.06 2.22 -5.28
C TYR A 8 3.68 3.67 -5.59
N VAL A 9 3.88 4.07 -6.85
CA VAL A 9 3.55 5.43 -7.27
C VAL A 9 2.09 5.54 -7.71
N GLY A 10 1.44 4.40 -7.88
CA GLY A 10 0.06 4.38 -8.29
C GLY A 10 -0.90 4.24 -7.12
N GLY A 11 -0.36 4.31 -5.91
CA GLY A 11 -1.18 4.19 -4.72
C GLY A 11 -0.37 3.99 -3.46
N GLY A 12 -1.02 4.11 -2.31
CA GLY A 12 -0.33 3.94 -1.05
C GLY A 12 0.21 2.53 -0.86
N GLY A 13 1.51 2.42 -0.62
CA GLY A 13 2.13 1.12 -0.44
C GLY A 13 1.68 0.45 0.84
N PHE A 14 1.26 1.25 1.82
CA PHE A 14 0.79 0.73 3.10
C PHE A 14 -0.59 0.10 2.95
N VAL A 15 -1.39 0.64 2.04
CA VAL A 15 -2.74 0.14 1.80
C VAL A 15 -2.72 -1.33 1.41
N LEU A 16 -1.61 -1.79 0.83
CA LEU A 16 -1.49 -3.18 0.43
C LEU A 16 -1.66 -4.08 1.63
N LEU A 17 -1.20 -3.60 2.79
CA LEU A 17 -1.30 -4.35 4.03
C LEU A 17 -2.76 -4.57 4.40
N PHE A 18 -3.63 -3.70 3.90
CA PHE A 18 -5.06 -3.79 4.17
C PHE A 18 -5.73 -4.79 3.23
N PHE A 19 -5.26 -4.84 2.00
CA PHE A 19 -5.82 -5.76 1.00
C PHE A 19 -5.24 -7.17 1.13
N VAL A 20 -4.01 -7.25 1.63
CA VAL A 20 -3.35 -8.54 1.80
C VAL A 20 -3.87 -9.28 3.03
N GLY A 21 -4.06 -8.55 4.12
CA GLY A 21 -4.56 -9.16 5.35
C GLY A 21 -5.99 -9.63 5.22
N CYS A 22 -6.75 -8.99 4.33
CA CYS A 22 -8.14 -9.34 4.12
C CYS A 22 -8.27 -10.75 3.54
N GLY A 23 -7.44 -11.04 2.53
CA GLY A 23 -7.47 -12.36 1.91
C GLY A 23 -7.08 -13.47 2.87
N VAL A 24 -6.21 -13.14 3.82
CA VAL A 24 -5.76 -14.12 4.80
C VAL A 24 -6.93 -14.65 5.62
N LEU A 25 -7.90 -13.79 5.90
CA LEU A 25 -9.07 -14.16 6.67
C LEU A 25 -10.11 -14.86 5.79
N LEU A 26 -10.16 -14.45 4.53
CA LEU A 26 -11.11 -15.03 3.58
C LEU A 26 -10.81 -16.50 3.32
N SER A 27 -9.54 -16.88 3.44
CA SER A 27 -9.12 -18.26 3.22
C SER A 27 -9.70 -19.17 4.29
N LYS A 28 -9.49 -18.82 5.55
CA LYS A 28 -9.98 -19.63 6.67
C LYS A 28 -11.48 -19.42 6.87
N LYS A 29 -11.87 -18.19 7.18
CA LYS A 29 -13.27 -17.84 7.41
C LYS A 29 -13.88 -18.67 8.53
N LYS A 30 -13.80 -18.15 9.75
CA LYS A 30 -14.34 -18.84 10.92
C LYS A 30 -13.74 -20.24 11.07
N LYS A 1 8.08 -7.83 -12.43
CA LYS A 1 8.82 -7.18 -11.33
C LYS A 1 8.61 -5.67 -11.34
N LYS A 2 8.31 -5.13 -12.52
CA LYS A 2 8.08 -3.69 -12.67
C LYS A 2 6.65 -3.33 -12.29
N LYS A 3 5.82 -4.35 -12.09
CA LYS A 3 4.41 -4.14 -11.75
C LYS A 3 4.26 -3.61 -10.31
N LEU A 4 5.10 -4.12 -9.41
CA LEU A 4 5.05 -3.70 -8.01
C LEU A 4 5.64 -2.31 -7.81
N HIS A 5 6.53 -1.91 -8.71
CA HIS A 5 7.17 -0.59 -8.63
C HIS A 5 6.22 0.50 -9.09
N PHE A 6 5.26 0.14 -9.93
CA PHE A 6 4.29 1.08 -10.45
C PHE A 6 3.13 1.26 -9.47
N MET A 7 2.79 0.19 -8.77
CA MET A 7 1.70 0.22 -7.80
C MET A 7 2.01 1.23 -6.69
N TYR A 8 3.29 1.48 -6.46
CA TYR A 8 3.72 2.42 -5.42
C TYR A 8 3.40 3.85 -5.84
N VAL A 9 3.81 4.22 -7.05
CA VAL A 9 3.57 5.56 -7.57
C VAL A 9 2.11 5.75 -7.96
N GLY A 10 1.37 4.64 -8.03
CA GLY A 10 -0.03 4.70 -8.39
C GLY A 10 -0.93 4.88 -7.19
N GLY A 11 -0.35 5.31 -6.08
CA GLY A 11 -1.13 5.52 -4.87
C GLY A 11 -1.41 4.23 -4.12
N GLY A 12 -0.56 3.91 -3.15
CA GLY A 12 -0.73 2.69 -2.38
C GLY A 12 0.59 2.04 -2.02
N GLY A 13 1.45 2.78 -1.33
CA GLY A 13 2.74 2.25 -0.94
C GLY A 13 2.67 1.36 0.29
N PHE A 14 1.63 1.56 1.10
CA PHE A 14 1.46 0.78 2.33
C PHE A 14 0.83 -0.59 2.06
N VAL A 15 -0.15 -0.62 1.16
CA VAL A 15 -0.83 -1.87 0.82
C VAL A 15 0.16 -2.96 0.44
N LEU A 16 1.37 -2.57 0.07
CA LEU A 16 2.40 -3.54 -0.30
C LEU A 16 2.62 -4.53 0.84
N LEU A 17 2.77 -3.99 2.05
CA LEU A 17 2.99 -4.80 3.24
C LEU A 17 1.87 -5.80 3.43
N PHE A 18 0.76 -5.60 2.74
CA PHE A 18 -0.36 -6.51 2.83
C PHE A 18 -0.15 -7.69 1.88
N PHE A 19 0.46 -7.39 0.74
CA PHE A 19 0.74 -8.41 -0.28
C PHE A 19 2.03 -9.16 0.04
N VAL A 20 2.94 -8.52 0.77
CA VAL A 20 4.21 -9.14 1.12
C VAL A 20 3.99 -10.49 1.81
N GLY A 21 2.94 -10.58 2.61
CA GLY A 21 2.63 -11.81 3.31
C GLY A 21 1.85 -12.78 2.45
N CYS A 22 1.10 -12.25 1.49
CA CYS A 22 0.29 -13.08 0.59
C CYS A 22 1.17 -14.01 -0.25
N GLY A 23 2.27 -13.47 -0.77
CA GLY A 23 3.17 -14.27 -1.57
C GLY A 23 3.88 -15.34 -0.77
N VAL A 24 4.21 -15.01 0.48
CA VAL A 24 4.90 -15.95 1.35
C VAL A 24 4.04 -17.17 1.64
N LEU A 25 2.74 -16.96 1.79
CA LEU A 25 1.80 -18.05 2.07
C LEU A 25 1.46 -18.82 0.78
N LEU A 26 1.39 -18.09 -0.32
CA LEU A 26 1.05 -18.69 -1.61
C LEU A 26 2.24 -19.48 -2.17
N SER A 27 3.42 -19.22 -1.61
CA SER A 27 4.64 -19.89 -2.04
C SER A 27 4.57 -21.39 -1.75
N LYS A 28 4.12 -21.75 -0.56
CA LYS A 28 4.00 -23.14 -0.16
C LYS A 28 2.83 -23.82 -0.86
N LYS A 29 1.72 -23.08 -1.00
CA LYS A 29 0.53 -23.62 -1.64
C LYS A 29 0.71 -23.67 -3.17
N LYS A 30 0.64 -24.87 -3.72
CA LYS A 30 0.78 -25.05 -5.16
C LYS A 30 -0.47 -25.69 -5.76
N LYS A 1 9.75 -7.43 -11.68
CA LYS A 1 9.79 -6.80 -10.34
C LYS A 1 9.92 -5.27 -10.45
N LYS A 2 10.10 -4.80 -11.68
CA LYS A 2 10.24 -3.36 -11.93
C LYS A 2 8.87 -2.69 -11.93
N LYS A 3 7.84 -3.45 -12.30
CA LYS A 3 6.48 -2.94 -12.36
C LYS A 3 5.96 -2.62 -10.97
N LEU A 4 6.61 -3.19 -9.95
CA LEU A 4 6.23 -2.97 -8.56
C LEU A 4 6.21 -1.49 -8.23
N HIS A 5 7.13 -0.74 -8.82
CA HIS A 5 7.21 0.70 -8.60
C HIS A 5 6.07 1.43 -9.31
N PHE A 6 5.72 0.93 -10.49
CA PHE A 6 4.63 1.53 -11.27
C PHE A 6 3.30 1.40 -10.54
N MET A 7 3.19 0.35 -9.71
CA MET A 7 1.97 0.12 -8.95
C MET A 7 1.95 0.97 -7.68
N TYR A 8 3.13 1.39 -7.26
CA TYR A 8 3.28 2.22 -6.07
C TYR A 8 2.71 3.61 -6.31
N VAL A 9 3.10 4.22 -7.43
CA VAL A 9 2.63 5.56 -7.78
C VAL A 9 1.13 5.58 -8.00
N GLY A 10 0.53 4.40 -8.12
CA GLY A 10 -0.91 4.32 -8.34
C GLY A 10 -1.71 4.45 -7.05
N GLY A 11 -1.02 4.71 -5.95
CA GLY A 11 -1.69 4.85 -4.67
C GLY A 11 -1.68 3.58 -3.86
N GLY A 12 -1.79 3.70 -2.54
CA GLY A 12 -1.80 2.54 -1.67
C GLY A 12 -0.45 2.26 -1.04
N GLY A 13 0.58 2.17 -1.88
CA GLY A 13 1.92 1.91 -1.37
C GLY A 13 2.43 3.03 -0.48
N PHE A 14 1.90 4.23 -0.66
CA PHE A 14 2.31 5.38 0.14
C PHE A 14 1.84 5.24 1.58
N VAL A 15 0.69 4.59 1.75
CA VAL A 15 0.12 4.37 3.08
C VAL A 15 1.14 3.71 4.01
N LEU A 16 2.09 3.00 3.44
CA LEU A 16 3.12 2.35 4.24
C LEU A 16 3.86 3.38 5.08
N LEU A 17 4.20 4.51 4.46
CA LEU A 17 4.91 5.59 5.14
C LEU A 17 4.08 6.11 6.32
N PHE A 18 2.80 5.78 6.33
CA PHE A 18 1.91 6.19 7.42
C PHE A 18 2.12 5.27 8.60
N PHE A 19 2.43 4.00 8.31
CA PHE A 19 2.67 3.00 9.33
C PHE A 19 4.12 3.08 9.85
N VAL A 20 5.04 3.43 8.96
CA VAL A 20 6.45 3.53 9.32
C VAL A 20 6.68 4.58 10.41
N GLY A 21 5.87 5.63 10.37
CA GLY A 21 5.98 6.70 11.35
C GLY A 21 5.81 6.21 12.78
N CYS A 22 5.06 5.13 12.96
CA CYS A 22 4.82 4.56 14.27
C CYS A 22 6.13 4.06 14.89
N GLY A 23 6.99 3.52 14.04
CA GLY A 23 8.26 3.01 14.51
C GLY A 23 9.25 4.11 14.83
N VAL A 24 9.03 5.29 14.24
CA VAL A 24 9.91 6.43 14.47
C VAL A 24 9.83 6.90 15.91
N LEU A 25 8.67 6.73 16.53
CA LEU A 25 8.46 7.14 17.92
C LEU A 25 9.37 6.36 18.85
N LEU A 26 9.36 5.03 18.71
CA LEU A 26 10.19 4.17 19.54
C LEU A 26 11.65 4.31 19.16
N SER A 27 11.91 4.69 17.92
CA SER A 27 13.27 4.87 17.43
C SER A 27 13.96 6.02 18.18
N LYS A 28 13.27 7.15 18.27
CA LYS A 28 13.81 8.32 18.96
C LYS A 28 13.79 8.10 20.47
N LYS A 29 12.61 7.76 21.00
CA LYS A 29 12.43 7.51 22.42
C LYS A 29 12.79 8.76 23.24
N LYS A 30 14.07 8.92 23.55
CA LYS A 30 14.54 10.06 24.33
C LYS A 30 13.83 10.13 25.67
N LYS A 1 10.64 -6.10 -11.17
CA LYS A 1 10.40 -5.17 -10.05
C LYS A 1 9.51 -4.01 -10.48
N LYS A 2 9.11 -4.01 -11.74
CA LYS A 2 8.25 -2.97 -12.27
C LYS A 2 6.78 -3.24 -11.95
N LYS A 3 6.51 -4.43 -11.43
CA LYS A 3 5.15 -4.83 -11.08
C LYS A 3 4.67 -4.12 -9.81
N LEU A 4 5.44 -4.25 -8.73
CA LEU A 4 5.07 -3.63 -7.45
C LEU A 4 5.50 -2.17 -7.40
N HIS A 5 6.36 -1.77 -8.33
CA HIS A 5 6.85 -0.40 -8.37
C HIS A 5 5.80 0.52 -8.96
N PHE A 6 4.91 -0.04 -9.79
CA PHE A 6 3.85 0.74 -10.41
C PHE A 6 2.77 1.09 -9.39
N MET A 7 2.66 0.27 -8.35
CA MET A 7 1.68 0.48 -7.30
C MET A 7 2.06 1.68 -6.44
N TYR A 8 3.36 1.79 -6.13
CA TYR A 8 3.86 2.89 -5.31
C TYR A 8 3.71 4.23 -6.05
N VAL A 9 4.30 4.31 -7.24
CA VAL A 9 4.24 5.53 -8.03
C VAL A 9 2.81 5.87 -8.43
N GLY A 10 1.93 4.87 -8.39
CA GLY A 10 0.54 5.08 -8.75
C GLY A 10 -0.28 5.62 -7.60
N GLY A 11 0.39 5.99 -6.52
CA GLY A 11 -0.31 6.53 -5.36
C GLY A 11 -0.85 5.44 -4.46
N GLY A 12 -0.20 4.27 -4.47
CA GLY A 12 -0.63 3.17 -3.65
C GLY A 12 0.49 2.63 -2.78
N GLY A 13 1.38 3.51 -2.34
CA GLY A 13 2.48 3.10 -1.50
C GLY A 13 2.09 2.97 -0.04
N PHE A 14 1.02 3.65 0.36
CA PHE A 14 0.56 3.61 1.75
C PHE A 14 -0.24 2.36 2.06
N VAL A 15 -1.07 1.93 1.11
CA VAL A 15 -1.90 0.74 1.30
C VAL A 15 -1.06 -0.46 1.74
N LEU A 16 0.24 -0.40 1.47
CA LEU A 16 1.15 -1.47 1.86
C LEU A 16 1.13 -1.64 3.37
N LEU A 17 1.22 -0.52 4.08
CA LEU A 17 1.22 -0.51 5.54
C LEU A 17 -0.03 -1.21 6.08
N PHE A 18 -1.01 -1.40 5.22
CA PHE A 18 -2.24 -2.08 5.61
C PHE A 18 -2.02 -3.59 5.57
N PHE A 19 -1.24 -4.03 4.59
CA PHE A 19 -0.93 -5.44 4.42
C PHE A 19 0.22 -5.89 5.33
N VAL A 20 1.13 -4.96 5.64
CA VAL A 20 2.28 -5.26 6.48
C VAL A 20 1.82 -5.76 7.86
N GLY A 21 0.67 -5.28 8.30
CA GLY A 21 0.15 -5.69 9.60
C GLY A 21 -0.45 -7.09 9.58
N CYS A 22 -0.78 -7.56 8.39
CA CYS A 22 -1.37 -8.89 8.23
C CYS A 22 -0.46 -9.96 8.83
N GLY A 23 0.80 -9.96 8.42
CA GLY A 23 1.74 -10.94 8.94
C GLY A 23 2.02 -10.74 10.41
N VAL A 24 1.73 -9.55 10.92
CA VAL A 24 1.95 -9.24 12.32
C VAL A 24 0.83 -9.81 13.20
N LEU A 25 -0.36 -9.95 12.61
CA LEU A 25 -1.51 -10.48 13.34
C LEU A 25 -1.45 -12.00 13.41
N LEU A 26 -0.86 -12.62 12.39
CA LEU A 26 -0.74 -14.06 12.34
C LEU A 26 0.12 -14.59 13.48
N SER A 27 1.16 -13.83 13.82
CA SER A 27 2.07 -14.23 14.89
C SER A 27 1.42 -14.00 16.26
N LYS A 28 0.90 -12.80 16.48
CA LYS A 28 0.26 -12.46 17.74
C LYS A 28 -1.25 -12.68 17.66
N LYS A 29 -1.65 -13.68 16.89
CA LYS A 29 -3.07 -14.00 16.72
C LYS A 29 -3.73 -14.25 18.07
N LYS A 30 -3.05 -15.01 18.92
CA LYS A 30 -3.57 -15.32 20.25
C LYS A 30 -3.39 -14.14 21.20
N LYS A 1 11.72 -5.74 -11.05
CA LYS A 1 10.99 -4.84 -10.12
C LYS A 1 10.77 -3.47 -10.75
N LYS A 2 10.86 -3.41 -12.07
CA LYS A 2 10.67 -2.16 -12.80
C LYS A 2 9.20 -1.74 -12.80
N LYS A 3 8.32 -2.67 -13.18
CA LYS A 3 6.89 -2.40 -13.22
C LYS A 3 6.29 -2.38 -11.82
N LEU A 4 7.05 -2.88 -10.85
CA LEU A 4 6.60 -2.92 -9.47
C LEU A 4 6.42 -1.51 -8.92
N HIS A 5 7.44 -0.68 -9.13
CA HIS A 5 7.40 0.71 -8.65
C HIS A 5 6.19 1.44 -9.20
N PHE A 6 5.69 0.99 -10.35
CA PHE A 6 4.53 1.62 -10.98
C PHE A 6 3.27 1.40 -10.13
N MET A 7 3.15 0.20 -9.57
CA MET A 7 2.00 -0.13 -8.74
C MET A 7 2.08 0.61 -7.40
N TYR A 8 3.30 0.83 -6.93
CA TYR A 8 3.53 1.52 -5.67
C TYR A 8 3.06 2.97 -5.74
N VAL A 9 3.37 3.64 -6.85
CA VAL A 9 2.97 5.03 -7.03
C VAL A 9 1.50 5.14 -7.42
N GLY A 10 0.86 3.99 -7.61
CA GLY A 10 -0.55 3.98 -7.98
C GLY A 10 -1.43 3.50 -6.84
N GLY A 11 -0.88 3.44 -5.64
CA GLY A 11 -1.63 3.00 -4.48
C GLY A 11 -0.74 2.39 -3.41
N GLY A 12 0.34 3.08 -3.07
CA GLY A 12 1.25 2.60 -2.06
C GLY A 12 0.61 2.50 -0.69
N GLY A 13 1.36 1.97 0.28
CA GLY A 13 0.84 1.81 1.62
C GLY A 13 0.88 3.11 2.42
N PHE A 14 1.79 4.01 2.04
CA PHE A 14 1.93 5.28 2.73
C PHE A 14 0.97 6.31 2.15
N VAL A 15 0.96 6.46 0.83
CA VAL A 15 0.07 7.41 0.17
C VAL A 15 -1.36 7.17 0.61
N LEU A 16 -1.64 5.94 1.04
CA LEU A 16 -2.96 5.56 1.53
C LEU A 16 -3.42 6.56 2.59
N LEU A 17 -2.51 6.89 3.50
CA LEU A 17 -2.81 7.83 4.57
C LEU A 17 -3.34 9.16 4.01
N PHE A 18 -2.83 9.55 2.84
CA PHE A 18 -3.25 10.78 2.21
C PHE A 18 -4.70 10.70 1.73
N PHE A 19 -5.13 9.50 1.37
CA PHE A 19 -6.50 9.29 0.91
C PHE A 19 -7.47 9.19 2.08
N VAL A 20 -6.97 8.70 3.22
CA VAL A 20 -7.79 8.55 4.41
C VAL A 20 -8.19 9.92 4.97
N GLY A 21 -7.24 10.84 5.00
CA GLY A 21 -7.51 12.18 5.51
C GLY A 21 -8.70 12.84 4.84
N CYS A 22 -8.96 12.46 3.59
CA CYS A 22 -10.08 13.02 2.84
C CYS A 22 -11.37 12.28 3.16
N GLY A 23 -11.26 10.99 3.48
CA GLY A 23 -12.43 10.19 3.80
C GLY A 23 -12.95 10.46 5.21
N VAL A 24 -12.06 10.89 6.10
CA VAL A 24 -12.44 11.18 7.48
C VAL A 24 -13.31 12.43 7.55
N LEU A 25 -13.10 13.35 6.62
CA LEU A 25 -13.87 14.59 6.58
C LEU A 25 -15.35 14.30 6.45
N LEU A 26 -15.67 13.21 5.76
CA LEU A 26 -17.06 12.81 5.54
C LEU A 26 -17.59 12.05 6.75
N SER A 27 -16.74 11.20 7.31
CA SER A 27 -17.12 10.40 8.48
C SER A 27 -17.54 11.30 9.64
N LYS A 28 -17.18 12.57 9.57
CA LYS A 28 -17.53 13.53 10.60
C LYS A 28 -18.64 14.46 10.13
N LYS A 29 -18.52 14.94 8.90
CA LYS A 29 -19.51 15.83 8.32
C LYS A 29 -20.83 15.10 8.08
N LYS A 30 -21.90 15.57 8.74
CA LYS A 30 -23.22 14.97 8.61
C LYS A 30 -24.24 16.02 8.20
N LYS A 1 9.59 -5.45 -14.90
CA LYS A 1 10.05 -5.00 -13.57
C LYS A 1 9.63 -3.55 -13.30
N LYS A 2 9.09 -2.90 -14.32
CA LYS A 2 8.64 -1.52 -14.20
C LYS A 2 7.28 -1.46 -13.52
N LYS A 3 6.49 -2.51 -13.69
CA LYS A 3 5.16 -2.58 -13.10
C LYS A 3 5.24 -2.82 -11.59
N LEU A 4 6.42 -3.19 -11.11
CA LEU A 4 6.63 -3.45 -9.70
C LEU A 4 6.56 -2.15 -8.90
N HIS A 5 7.22 -1.12 -9.40
CA HIS A 5 7.24 0.18 -8.73
C HIS A 5 5.97 0.99 -9.06
N PHE A 6 5.36 0.66 -10.20
CA PHE A 6 4.15 1.34 -10.63
C PHE A 6 3.02 1.14 -9.64
N MET A 7 3.07 0.03 -8.91
CA MET A 7 2.05 -0.29 -7.92
C MET A 7 2.18 0.60 -6.69
N TYR A 8 3.42 0.99 -6.38
CA TYR A 8 3.68 1.85 -5.23
C TYR A 8 3.17 3.27 -5.49
N VAL A 9 3.47 3.78 -6.68
CA VAL A 9 3.05 5.13 -7.05
C VAL A 9 1.55 5.19 -7.31
N GLY A 10 0.95 4.02 -7.52
CA GLY A 10 -0.48 3.96 -7.77
C GLY A 10 -1.30 4.34 -6.56
N GLY A 11 -0.68 4.34 -5.39
CA GLY A 11 -1.39 4.68 -4.17
C GLY A 11 -0.45 5.00 -3.01
N GLY A 12 0.41 4.04 -2.67
CA GLY A 12 1.34 4.25 -1.58
C GLY A 12 1.51 3.01 -0.72
N GLY A 13 2.58 2.99 0.07
CA GLY A 13 2.83 1.86 0.94
C GLY A 13 1.75 1.67 1.98
N PHE A 14 1.17 2.78 2.44
CA PHE A 14 0.12 2.72 3.44
C PHE A 14 -1.24 2.50 2.78
N VAL A 15 -1.49 3.21 1.68
CA VAL A 15 -2.75 3.06 0.96
C VAL A 15 -2.97 1.59 0.62
N LEU A 16 -1.87 0.85 0.53
CA LEU A 16 -1.93 -0.57 0.25
C LEU A 16 -2.79 -1.26 1.30
N LEU A 17 -2.55 -0.90 2.57
CA LEU A 17 -3.29 -1.47 3.69
C LEU A 17 -4.76 -1.09 3.61
N PHE A 18 -5.06 0.00 2.91
CA PHE A 18 -6.44 0.44 2.77
C PHE A 18 -7.25 -0.64 2.05
N PHE A 19 -6.60 -1.35 1.13
CA PHE A 19 -7.23 -2.43 0.39
C PHE A 19 -7.23 -3.74 1.18
N VAL A 20 -6.11 -4.02 1.84
CA VAL A 20 -5.97 -5.25 2.61
C VAL A 20 -7.06 -5.38 3.67
N GLY A 21 -7.43 -4.26 4.27
CA GLY A 21 -8.46 -4.27 5.30
C GLY A 21 -9.85 -4.34 4.72
N CYS A 22 -9.99 -4.00 3.44
CA CYS A 22 -11.29 -4.02 2.77
C CYS A 22 -11.85 -5.42 2.70
N GLY A 23 -11.02 -6.38 2.29
CA GLY A 23 -11.45 -7.76 2.17
C GLY A 23 -11.76 -8.38 3.52
N VAL A 24 -11.24 -7.79 4.58
CA VAL A 24 -11.48 -8.30 5.94
C VAL A 24 -12.95 -8.20 6.32
N LEU A 25 -13.64 -7.22 5.75
CA LEU A 25 -15.06 -7.02 6.04
C LEU A 25 -15.88 -8.25 5.62
N LEU A 26 -15.53 -8.83 4.49
CA LEU A 26 -16.24 -10.01 3.98
C LEU A 26 -16.07 -11.19 4.93
N SER A 27 -14.98 -11.19 5.69
CA SER A 27 -14.72 -12.26 6.65
C SER A 27 -15.68 -12.19 7.83
N LYS A 28 -16.34 -11.05 7.97
CA LYS A 28 -17.29 -10.85 9.07
C LYS A 28 -18.69 -10.56 8.53
N LYS A 29 -18.80 -10.40 7.21
CA LYS A 29 -20.07 -10.12 6.58
C LYS A 29 -20.56 -11.33 5.79
N LYS A 30 -21.80 -11.74 6.05
CA LYS A 30 -22.39 -12.88 5.35
C LYS A 30 -23.79 -12.55 4.84
N LYS A 1 11.68 -4.95 -13.51
CA LYS A 1 10.98 -5.03 -12.20
C LYS A 1 10.43 -3.68 -11.78
N LYS A 2 10.24 -2.80 -12.76
CA LYS A 2 9.71 -1.46 -12.50
C LYS A 2 8.19 -1.49 -12.42
N LYS A 3 7.59 -2.59 -12.85
CA LYS A 3 6.14 -2.74 -12.81
C LYS A 3 5.61 -2.60 -11.39
N LEU A 4 6.19 -3.37 -10.47
CA LEU A 4 5.78 -3.34 -9.07
C LEU A 4 5.93 -1.94 -8.50
N HIS A 5 6.89 -1.18 -9.03
CA HIS A 5 7.14 0.17 -8.57
C HIS A 5 6.03 1.11 -9.04
N PHE A 6 5.48 0.82 -10.22
CA PHE A 6 4.41 1.64 -10.78
C PHE A 6 3.13 1.47 -9.97
N MET A 7 3.02 0.33 -9.29
CA MET A 7 1.85 0.04 -8.47
C MET A 7 1.86 0.91 -7.21
N TYR A 8 3.05 1.15 -6.68
CA TYR A 8 3.22 1.95 -5.47
C TYR A 8 2.78 3.40 -5.73
N VAL A 9 3.26 3.97 -6.83
CA VAL A 9 2.92 5.34 -7.18
C VAL A 9 1.48 5.44 -7.68
N GLY A 10 0.89 4.28 -7.99
CA GLY A 10 -0.48 4.25 -8.47
C GLY A 10 -1.46 3.78 -7.43
N GLY A 11 -1.02 3.79 -6.16
CA GLY A 11 -1.89 3.35 -5.08
C GLY A 11 -1.12 2.60 -4.01
N GLY A 12 -0.27 3.30 -3.28
CA GLY A 12 0.51 2.67 -2.23
C GLY A 12 -0.03 2.97 -0.85
N GLY A 13 0.34 2.14 0.12
CA GLY A 13 -0.12 2.35 1.49
C GLY A 13 0.70 3.39 2.22
N PHE A 14 1.94 3.61 1.77
CA PHE A 14 2.83 4.58 2.41
C PHE A 14 2.60 5.99 1.88
N VAL A 15 2.32 6.11 0.58
CA VAL A 15 2.11 7.42 -0.02
C VAL A 15 1.07 8.24 0.74
N LEU A 16 0.24 7.56 1.53
CA LEU A 16 -0.78 8.23 2.32
C LEU A 16 -0.12 9.21 3.29
N LEU A 17 0.97 8.76 3.91
CA LEU A 17 1.72 9.58 4.86
C LEU A 17 2.24 10.84 4.18
N PHE A 18 2.24 10.85 2.85
CA PHE A 18 2.68 12.01 2.09
C PHE A 18 1.55 13.03 2.04
N PHE A 19 0.32 12.52 2.02
CA PHE A 19 -0.87 13.37 1.99
C PHE A 19 -1.22 13.87 3.39
N VAL A 20 -0.95 13.03 4.40
CA VAL A 20 -1.24 13.38 5.79
C VAL A 20 -0.42 14.59 6.21
N GLY A 21 0.78 14.71 5.66
CA GLY A 21 1.66 15.82 5.99
C GLY A 21 1.20 17.14 5.40
N CYS A 22 0.27 17.07 4.45
CA CYS A 22 -0.26 18.27 3.79
C CYS A 22 -0.67 19.32 4.82
N GLY A 23 -1.28 18.86 5.92
CA GLY A 23 -1.71 19.78 6.97
C GLY A 23 -0.54 20.36 7.73
N VAL A 24 0.57 19.63 7.77
CA VAL A 24 1.77 20.07 8.47
C VAL A 24 2.37 21.30 7.81
N LEU A 25 2.20 21.39 6.49
CA LEU A 25 2.73 22.52 5.73
C LEU A 25 2.18 23.84 6.25
N LEU A 26 0.92 23.84 6.65
CA LEU A 26 0.27 25.05 7.16
C LEU A 26 0.96 25.52 8.43
N SER A 27 1.50 24.59 9.20
CA SER A 27 2.19 24.92 10.44
C SER A 27 3.58 25.49 10.14
N LYS A 28 4.18 25.02 9.06
CA LYS A 28 5.51 25.48 8.66
C LYS A 28 5.44 26.88 8.06
N LYS A 29 4.29 27.22 7.48
CA LYS A 29 4.09 28.52 6.87
C LYS A 29 4.07 29.62 7.93
N LYS A 30 3.56 29.28 9.12
CA LYS A 30 3.48 30.23 10.23
C LYS A 30 2.63 31.43 9.85
N LYS A 1 11.24 -1.31 -16.59
CA LYS A 1 11.13 -1.86 -15.21
C LYS A 1 10.46 -0.86 -14.28
N LYS A 2 9.82 0.15 -14.87
CA LYS A 2 9.14 1.18 -14.10
C LYS A 2 7.77 0.71 -13.63
N LYS A 3 7.34 -0.45 -14.14
CA LYS A 3 6.05 -1.02 -13.78
C LYS A 3 6.00 -1.46 -12.33
N LEU A 4 7.07 -2.11 -11.88
CA LEU A 4 7.15 -2.59 -10.50
C LEU A 4 7.16 -1.45 -9.51
N HIS A 5 7.45 -0.24 -10.00
CA HIS A 5 7.50 0.94 -9.15
C HIS A 5 6.11 1.53 -8.94
N PHE A 6 5.32 1.56 -10.00
CA PHE A 6 3.96 2.11 -9.94
C PHE A 6 3.05 1.22 -9.09
N MET A 7 3.39 -0.07 -9.03
CA MET A 7 2.61 -1.03 -8.25
C MET A 7 2.61 -0.66 -6.77
N TYR A 8 3.62 0.11 -6.36
CA TYR A 8 3.74 0.53 -4.97
C TYR A 8 2.88 1.75 -4.69
N VAL A 9 2.87 2.70 -5.62
CA VAL A 9 2.09 3.92 -5.46
C VAL A 9 0.64 3.71 -5.92
N GLY A 10 0.37 2.55 -6.49
CA GLY A 10 -0.97 2.25 -6.96
C GLY A 10 -1.73 1.33 -6.01
N GLY A 11 -0.99 0.52 -5.25
CA GLY A 11 -1.61 -0.39 -4.32
C GLY A 11 -2.06 0.31 -3.05
N GLY A 12 -1.28 1.28 -2.60
CA GLY A 12 -1.61 2.01 -1.38
C GLY A 12 -0.40 2.62 -0.72
N GLY A 13 0.60 2.97 -1.52
CA GLY A 13 1.81 3.56 -0.97
C GLY A 13 1.67 5.04 -0.71
N PHE A 14 0.73 5.69 -1.40
CA PHE A 14 0.52 7.12 -1.25
C PHE A 14 -0.34 7.45 -0.03
N VAL A 15 -1.36 6.62 0.23
CA VAL A 15 -2.25 6.86 1.37
C VAL A 15 -1.48 7.08 2.66
N LEU A 16 -0.23 6.63 2.68
CA LEU A 16 0.61 6.80 3.86
C LEU A 16 0.76 8.29 4.19
N LEU A 17 1.10 9.07 3.16
CA LEU A 17 1.27 10.52 3.30
C LEU A 17 0.02 11.17 3.89
N PHE A 18 -1.09 10.44 3.87
CA PHE A 18 -2.33 10.94 4.42
C PHE A 18 -2.36 10.72 5.92
N PHE A 19 -1.82 9.59 6.35
CA PHE A 19 -1.77 9.24 7.77
C PHE A 19 -0.58 9.90 8.46
N VAL A 20 0.46 10.24 7.69
CA VAL A 20 1.65 10.86 8.24
C VAL A 20 1.31 12.13 9.01
N GLY A 21 0.35 12.89 8.50
CA GLY A 21 -0.05 14.12 9.16
C GLY A 21 -0.67 13.87 10.52
N CYS A 22 -1.49 12.83 10.61
CA CYS A 22 -2.15 12.48 11.87
C CYS A 22 -1.12 12.10 12.91
N GLY A 23 0.01 11.55 12.47
CA GLY A 23 1.06 11.16 13.39
C GLY A 23 1.87 12.34 13.89
N VAL A 24 1.81 13.45 13.15
CA VAL A 24 2.54 14.65 13.52
C VAL A 24 2.05 15.20 14.86
N LEU A 25 0.73 15.26 15.01
CA LEU A 25 0.12 15.75 16.24
C LEU A 25 0.14 14.69 17.33
N LEU A 26 0.22 13.42 16.91
CA LEU A 26 0.25 12.31 17.84
C LEU A 26 1.54 12.28 18.65
N SER A 27 2.66 12.55 17.97
CA SER A 27 3.96 12.55 18.62
C SER A 27 4.02 13.58 19.76
N LYS A 28 3.64 14.81 19.46
CA LYS A 28 3.66 15.88 20.45
C LYS A 28 2.44 15.77 21.38
N LYS A 29 1.25 15.90 20.80
CA LYS A 29 -0.01 15.83 21.54
C LYS A 29 -0.26 17.09 22.36
N LYS A 30 0.74 17.52 23.11
CA LYS A 30 0.62 18.71 23.95
C LYS A 30 -0.55 18.59 24.92
N LYS A 1 10.79 -4.41 -14.10
CA LYS A 1 10.39 -3.95 -12.74
C LYS A 1 9.78 -2.55 -12.79
N LYS A 2 9.34 -2.14 -13.98
CA LYS A 2 8.75 -0.82 -14.17
C LYS A 2 7.36 -0.76 -13.52
N LYS A 3 6.55 -1.78 -13.78
CA LYS A 3 5.21 -1.83 -13.22
C LYS A 3 5.26 -2.15 -11.72
N LEU A 4 6.41 -2.67 -11.28
CA LEU A 4 6.59 -3.02 -9.88
C LEU A 4 6.62 -1.77 -9.00
N HIS A 5 7.34 -0.75 -9.48
CA HIS A 5 7.46 0.51 -8.75
C HIS A 5 6.23 1.38 -8.98
N PHE A 6 5.62 1.25 -10.16
CA PHE A 6 4.44 2.02 -10.50
C PHE A 6 3.22 1.54 -9.72
N MET A 7 3.25 0.27 -9.34
CA MET A 7 2.15 -0.32 -8.57
C MET A 7 2.12 0.25 -7.16
N TYR A 8 3.30 0.53 -6.62
CA TYR A 8 3.42 1.09 -5.27
C TYR A 8 2.82 2.49 -5.21
N VAL A 9 3.08 3.28 -6.24
CA VAL A 9 2.59 4.65 -6.31
C VAL A 9 1.11 4.67 -6.70
N GLY A 10 0.70 3.67 -7.47
CA GLY A 10 -0.69 3.60 -7.91
C GLY A 10 -1.55 2.77 -6.97
N GLY A 11 -0.94 2.26 -5.90
CA GLY A 11 -1.68 1.45 -4.95
C GLY A 11 -2.23 2.27 -3.80
N GLY A 12 -1.35 2.88 -3.03
CA GLY A 12 -1.78 3.68 -1.90
C GLY A 12 -0.70 3.86 -0.86
N GLY A 13 0.55 3.54 -1.23
CA GLY A 13 1.66 3.68 -0.31
C GLY A 13 2.15 5.10 -0.18
N PHE A 14 1.89 5.91 -1.21
CA PHE A 14 2.33 7.30 -1.20
C PHE A 14 1.29 8.19 -0.51
N VAL A 15 0.01 7.95 -0.80
CA VAL A 15 -1.05 8.73 -0.19
C VAL A 15 -0.96 8.65 1.33
N LEU A 16 -0.26 7.62 1.80
CA LEU A 16 -0.05 7.43 3.22
C LEU A 16 0.75 8.60 3.77
N LEU A 17 1.77 9.01 3.02
CA LEU A 17 2.62 10.14 3.39
C LEU A 17 1.82 11.44 3.41
N PHE A 18 0.65 11.41 2.77
CA PHE A 18 -0.19 12.60 2.74
C PHE A 18 -0.75 12.87 4.13
N PHE A 19 -0.98 11.79 4.88
CA PHE A 19 -1.51 11.88 6.24
C PHE A 19 -0.37 12.16 7.24
N VAL A 20 0.77 11.50 7.03
CA VAL A 20 1.91 11.67 7.91
C VAL A 20 2.33 13.14 8.00
N GLY A 21 2.18 13.85 6.90
CA GLY A 21 2.55 15.26 6.88
C GLY A 21 1.82 16.08 7.93
N CYS A 22 0.67 15.58 8.37
CA CYS A 22 -0.11 16.26 9.39
C CYS A 22 0.68 16.42 10.70
N GLY A 23 1.27 15.32 11.15
CA GLY A 23 2.05 15.34 12.37
C GLY A 23 3.27 16.24 12.28
N VAL A 24 3.75 16.44 11.05
CA VAL A 24 4.92 17.28 10.82
C VAL A 24 4.66 18.72 11.22
N LEU A 25 3.41 19.15 11.08
CA LEU A 25 3.01 20.51 11.43
C LEU A 25 3.08 20.73 12.93
N LEU A 26 2.51 19.81 13.70
CA LEU A 26 2.51 19.91 15.15
C LEU A 26 3.91 19.72 15.71
N SER A 27 4.78 19.07 14.93
CA SER A 27 6.15 18.83 15.36
C SER A 27 6.97 20.12 15.29
N LYS A 28 6.55 21.04 14.43
CA LYS A 28 7.26 22.31 14.28
C LYS A 28 6.71 23.36 15.26
N LYS A 29 5.40 23.32 15.48
CA LYS A 29 4.75 24.25 16.39
C LYS A 29 4.99 23.85 17.84
N LYS A 30 5.67 24.71 18.58
CA LYS A 30 5.95 24.45 19.99
C LYS A 30 4.89 25.07 20.89
N LYS A 1 12.26 -3.21 -14.27
CA LYS A 1 11.69 -3.36 -12.91
C LYS A 1 10.79 -2.18 -12.56
N LYS A 2 10.43 -1.40 -13.56
CA LYS A 2 9.59 -0.24 -13.36
C LYS A 2 8.12 -0.65 -13.21
N LYS A 3 7.83 -1.92 -13.52
CA LYS A 3 6.48 -2.44 -13.42
C LYS A 3 6.05 -2.59 -11.96
N LEU A 4 7.01 -2.92 -11.11
CA LEU A 4 6.72 -3.10 -9.69
C LEU A 4 6.54 -1.76 -8.99
N HIS A 5 7.41 -0.81 -9.32
CA HIS A 5 7.34 0.52 -8.73
C HIS A 5 6.09 1.26 -9.19
N PHE A 6 5.50 0.78 -10.28
CA PHE A 6 4.29 1.38 -10.82
C PHE A 6 3.13 1.24 -9.84
N MET A 7 2.97 0.04 -9.28
CA MET A 7 1.90 -0.22 -8.33
C MET A 7 2.12 0.56 -7.04
N TYR A 8 3.39 0.79 -6.71
CA TYR A 8 3.74 1.53 -5.49
C TYR A 8 3.33 2.98 -5.62
N VAL A 9 3.54 3.56 -6.80
CA VAL A 9 3.19 4.95 -7.05
C VAL A 9 1.74 5.10 -7.49
N GLY A 10 1.08 3.96 -7.69
CA GLY A 10 -0.31 3.98 -8.10
C GLY A 10 -1.23 4.54 -7.03
N GLY A 11 -0.78 4.49 -5.79
CA GLY A 11 -1.58 5.01 -4.69
C GLY A 11 -1.54 4.11 -3.47
N GLY A 12 -0.53 4.32 -2.63
CA GLY A 12 -0.38 3.52 -1.43
C GLY A 12 0.01 2.09 -1.74
N GLY A 13 1.30 1.89 -2.05
CA GLY A 13 1.80 0.57 -2.37
C GLY A 13 2.03 -0.29 -1.14
N PHE A 14 2.23 0.36 0.01
CA PHE A 14 2.48 -0.37 1.25
C PHE A 14 1.16 -0.73 1.92
N VAL A 15 0.23 0.22 2.00
CA VAL A 15 -1.07 -0.05 2.61
C VAL A 15 -1.73 -1.22 1.93
N LEU A 16 -1.28 -1.51 0.72
CA LEU A 16 -1.79 -2.64 -0.05
C LEU A 16 -1.41 -3.93 0.66
N LEU A 17 -0.16 -4.00 1.11
CA LEU A 17 0.36 -5.17 1.81
C LEU A 17 -0.39 -5.37 3.13
N PHE A 18 -1.07 -4.33 3.58
CA PHE A 18 -1.82 -4.42 4.82
C PHE A 18 -2.98 -5.40 4.66
N PHE A 19 -3.54 -5.44 3.46
CA PHE A 19 -4.64 -6.34 3.15
C PHE A 19 -4.13 -7.73 2.79
N VAL A 20 -3.02 -7.78 2.06
CA VAL A 20 -2.43 -9.04 1.63
C VAL A 20 -2.03 -9.90 2.84
N GLY A 21 -1.51 -9.25 3.87
CA GLY A 21 -1.10 -9.95 5.07
C GLY A 21 -2.20 -10.82 5.65
N CYS A 22 -3.44 -10.39 5.46
CA CYS A 22 -4.59 -11.15 5.96
C CYS A 22 -4.82 -12.38 5.11
N GLY A 23 -4.66 -12.24 3.80
CA GLY A 23 -4.86 -13.34 2.89
C GLY A 23 -3.81 -14.43 3.05
N VAL A 24 -2.68 -14.07 3.65
CA VAL A 24 -1.59 -15.02 3.87
C VAL A 24 -2.08 -16.23 4.66
N LEU A 25 -2.94 -15.99 5.64
CA LEU A 25 -3.48 -17.06 6.47
C LEU A 25 -4.47 -17.91 5.69
N LEU A 26 -5.09 -17.30 4.68
CA LEU A 26 -6.06 -18.00 3.84
C LEU A 26 -5.37 -18.90 2.84
N SER A 27 -4.12 -18.57 2.53
CA SER A 27 -3.33 -19.34 1.57
C SER A 27 -3.14 -20.78 2.06
N LYS A 28 -3.03 -20.94 3.37
CA LYS A 28 -2.84 -22.26 3.96
C LYS A 28 -4.14 -22.79 4.54
N LYS A 29 -4.62 -22.15 5.62
CA LYS A 29 -5.86 -22.55 6.28
C LYS A 29 -5.83 -24.05 6.60
N LYS A 30 -4.96 -24.43 7.54
CA LYS A 30 -4.85 -25.83 7.93
C LYS A 30 -5.65 -26.11 9.20
N LYS A 1 11.69 -5.24 -11.29
CA LYS A 1 10.76 -4.51 -10.38
C LYS A 1 10.29 -3.21 -11.02
N LYS A 2 10.81 -2.92 -12.21
CA LYS A 2 10.44 -1.69 -12.93
C LYS A 2 8.93 -1.60 -13.11
N LYS A 3 8.31 -2.74 -13.36
CA LYS A 3 6.87 -2.80 -13.56
C LYS A 3 6.13 -2.89 -12.22
N LEU A 4 6.87 -3.26 -11.17
CA LEU A 4 6.30 -3.39 -9.84
C LEU A 4 6.13 -2.03 -9.18
N HIS A 5 7.10 -1.14 -9.38
CA HIS A 5 7.07 0.20 -8.81
C HIS A 5 5.88 0.99 -9.34
N PHE A 6 5.30 0.53 -10.44
CA PHE A 6 4.17 1.21 -11.06
C PHE A 6 3.00 1.30 -10.09
N MET A 7 2.89 0.30 -9.21
CA MET A 7 1.81 0.27 -8.22
C MET A 7 2.17 1.13 -7.02
N TYR A 8 3.46 1.23 -6.73
CA TYR A 8 3.95 2.03 -5.61
C TYR A 8 3.62 3.50 -5.81
N VAL A 9 3.83 3.99 -7.04
CA VAL A 9 3.55 5.39 -7.36
C VAL A 9 2.05 5.65 -7.40
N GLY A 10 1.26 4.58 -7.38
CA GLY A 10 -0.18 4.72 -7.43
C GLY A 10 -0.79 4.97 -6.05
N GLY A 11 0.07 5.15 -5.06
CA GLY A 11 -0.40 5.40 -3.70
C GLY A 11 0.29 4.52 -2.68
N GLY A 12 -0.48 4.02 -1.72
CA GLY A 12 0.08 3.17 -0.68
C GLY A 12 0.01 1.70 -1.06
N GLY A 13 1.11 1.18 -1.62
CA GLY A 13 1.15 -0.22 -2.01
C GLY A 13 1.08 -1.16 -0.83
N PHE A 14 1.56 -0.70 0.32
CA PHE A 14 1.55 -1.51 1.53
C PHE A 14 0.13 -1.64 2.09
N VAL A 15 -0.64 -0.56 1.97
CA VAL A 15 -2.01 -0.53 2.47
C VAL A 15 -2.83 -1.67 1.87
N LEU A 16 -2.38 -2.19 0.73
CA LEU A 16 -3.08 -3.31 0.09
C LEU A 16 -3.16 -4.48 1.05
N LEU A 17 -2.02 -4.81 1.67
CA LEU A 17 -1.94 -5.90 2.63
C LEU A 17 -2.92 -5.68 3.78
N PHE A 18 -3.41 -4.46 3.91
CA PHE A 18 -4.37 -4.14 4.96
C PHE A 18 -5.78 -4.52 4.49
N PHE A 19 -6.03 -4.36 3.19
CA PHE A 19 -7.32 -4.70 2.61
C PHE A 19 -7.42 -6.19 2.27
N VAL A 20 -6.28 -6.82 2.01
CA VAL A 20 -6.24 -8.24 1.66
C VAL A 20 -6.86 -9.10 2.77
N GLY A 21 -6.74 -8.64 4.01
CA GLY A 21 -7.28 -9.38 5.13
C GLY A 21 -8.79 -9.56 5.06
N CYS A 22 -9.43 -8.79 4.19
CA CYS A 22 -10.89 -8.88 4.03
C CYS A 22 -11.32 -10.27 3.60
N GLY A 23 -10.59 -10.85 2.64
CA GLY A 23 -10.92 -12.18 2.16
C GLY A 23 -10.52 -13.27 3.13
N VAL A 24 -9.58 -12.96 4.02
CA VAL A 24 -9.11 -13.94 5.00
C VAL A 24 -10.18 -14.21 6.06
N LEU A 25 -10.75 -13.14 6.61
CA LEU A 25 -11.78 -13.26 7.63
C LEU A 25 -13.06 -13.82 7.05
N LEU A 26 -13.25 -13.64 5.75
CA LEU A 26 -14.45 -14.13 5.06
C LEU A 26 -14.44 -15.65 4.98
N SER A 27 -13.24 -16.24 5.04
CA SER A 27 -13.10 -17.69 4.97
C SER A 27 -13.65 -18.37 6.23
N LYS A 28 -13.68 -17.62 7.33
CA LYS A 28 -14.19 -18.13 8.59
C LYS A 28 -15.69 -17.96 8.69
N LYS A 29 -16.16 -16.76 8.37
CA LYS A 29 -17.60 -16.46 8.42
C LYS A 29 -18.23 -16.67 7.05
N LYS A 30 -18.85 -17.83 6.86
CA LYS A 30 -19.51 -18.15 5.60
C LYS A 30 -20.97 -17.71 5.61
N LYS A 1 8.75 -7.05 -11.92
CA LYS A 1 9.32 -6.22 -10.85
C LYS A 1 9.06 -4.74 -11.09
N LYS A 2 9.10 -4.34 -12.37
CA LYS A 2 8.85 -2.95 -12.74
C LYS A 2 7.44 -2.52 -12.37
N LYS A 3 6.51 -3.46 -12.43
CA LYS A 3 5.11 -3.18 -12.11
C LYS A 3 4.95 -2.97 -10.61
N LEU A 4 5.86 -3.55 -9.82
CA LEU A 4 5.81 -3.44 -8.38
C LEU A 4 5.98 -1.98 -7.95
N HIS A 5 6.85 -1.27 -8.64
CA HIS A 5 7.09 0.14 -8.33
C HIS A 5 6.02 1.04 -8.94
N PHE A 6 5.38 0.53 -10.00
CA PHE A 6 4.33 1.28 -10.68
C PHE A 6 3.12 1.47 -9.77
N MET A 7 2.89 0.50 -8.90
CA MET A 7 1.76 0.57 -7.98
C MET A 7 1.95 1.71 -6.99
N TYR A 8 3.21 2.06 -6.71
CA TYR A 8 3.53 3.13 -5.78
C TYR A 8 3.22 4.49 -6.39
N VAL A 9 3.60 4.67 -7.65
CA VAL A 9 3.37 5.93 -8.35
C VAL A 9 1.93 6.04 -8.84
N GLY A 10 1.20 4.94 -8.78
CA GLY A 10 -0.19 4.93 -9.22
C GLY A 10 -1.16 5.12 -8.07
N GLY A 11 -0.66 4.97 -6.84
CA GLY A 11 -1.51 5.13 -5.68
C GLY A 11 -1.42 3.95 -4.73
N GLY A 12 -0.20 3.56 -4.37
CA GLY A 12 -0.01 2.44 -3.49
C GLY A 12 1.03 2.72 -2.41
N GLY A 13 1.30 4.01 -2.19
CA GLY A 13 2.27 4.40 -1.18
C GLY A 13 1.80 4.09 0.22
N PHE A 14 0.49 4.03 0.40
CA PHE A 14 -0.10 3.74 1.71
C PHE A 14 0.14 2.29 2.10
N VAL A 15 0.16 1.40 1.10
CA VAL A 15 0.38 -0.02 1.33
C VAL A 15 1.64 -0.26 2.14
N LEU A 16 2.60 0.64 2.03
CA LEU A 16 3.86 0.51 2.79
C LEU A 16 3.55 0.42 4.28
N LEU A 17 2.60 1.24 4.72
CA LEU A 17 2.19 1.26 6.12
C LEU A 17 1.65 -0.10 6.55
N PHE A 18 1.15 -0.85 5.57
CA PHE A 18 0.60 -2.18 5.83
C PHE A 18 1.71 -3.22 5.96
N PHE A 19 2.76 -3.07 5.15
CA PHE A 19 3.89 -3.99 5.19
C PHE A 19 4.73 -3.77 6.44
N VAL A 20 4.83 -2.52 6.88
CA VAL A 20 5.59 -2.18 8.08
C VAL A 20 4.95 -2.79 9.32
N GLY A 21 3.62 -2.90 9.30
CA GLY A 21 2.90 -3.46 10.42
C GLY A 21 3.34 -4.87 10.78
N CYS A 22 4.09 -5.50 9.87
CA CYS A 22 4.59 -6.85 10.09
C CYS A 22 5.91 -6.83 10.84
N GLY A 23 6.71 -5.80 10.58
CA GLY A 23 8.00 -5.67 11.23
C GLY A 23 7.92 -4.98 12.58
N VAL A 24 6.90 -4.14 12.77
CA VAL A 24 6.71 -3.41 14.00
C VAL A 24 6.64 -4.34 15.22
N LEU A 25 5.76 -5.33 15.16
CA LEU A 25 5.60 -6.27 16.27
C LEU A 25 6.66 -7.37 16.21
N LEU A 26 7.21 -7.59 15.01
CA LEU A 26 8.24 -8.62 14.83
C LEU A 26 9.46 -8.34 15.70
N SER A 27 9.66 -7.07 16.01
CA SER A 27 10.80 -6.65 16.83
C SER A 27 10.57 -7.02 18.29
N LYS A 28 9.31 -7.02 18.71
CA LYS A 28 8.95 -7.34 20.09
C LYS A 28 8.51 -8.81 20.20
N LYS A 29 8.39 -9.47 19.06
CA LYS A 29 7.97 -10.86 19.04
C LYS A 29 9.11 -11.76 18.55
N LYS A 30 9.40 -12.81 19.33
CA LYS A 30 10.47 -13.74 18.99
C LYS A 30 9.90 -15.14 18.77
N LYS A 1 9.55 -6.13 -10.83
CA LYS A 1 10.08 -4.83 -10.34
C LYS A 1 9.55 -3.67 -11.18
N LYS A 2 9.01 -3.99 -12.34
CA LYS A 2 8.46 -2.98 -13.24
C LYS A 2 7.07 -2.54 -12.79
N LYS A 3 6.19 -3.52 -12.56
CA LYS A 3 4.83 -3.23 -12.13
C LYS A 3 4.80 -2.84 -10.66
N LEU A 4 5.74 -3.36 -9.89
CA LEU A 4 5.82 -3.06 -8.46
C LEU A 4 6.03 -1.57 -8.22
N HIS A 5 6.90 -0.96 -9.03
CA HIS A 5 7.18 0.46 -8.91
C HIS A 5 6.01 1.30 -9.40
N PHE A 6 5.11 0.68 -10.15
CA PHE A 6 3.94 1.38 -10.67
C PHE A 6 2.84 1.46 -9.63
N MET A 7 2.56 0.33 -8.98
CA MET A 7 1.53 0.28 -7.95
C MET A 7 1.90 1.15 -6.76
N TYR A 8 3.20 1.38 -6.59
CA TYR A 8 3.70 2.21 -5.50
C TYR A 8 3.48 3.69 -5.78
N VAL A 9 4.00 4.14 -6.92
CA VAL A 9 3.87 5.53 -7.33
C VAL A 9 2.41 5.89 -7.62
N GLY A 10 1.61 4.87 -7.91
CA GLY A 10 0.20 5.09 -8.21
C GLY A 10 -0.70 4.79 -7.02
N GLY A 11 -0.11 4.64 -5.84
CA GLY A 11 -0.88 4.36 -4.66
C GLY A 11 -0.08 3.63 -3.59
N GLY A 12 -0.35 2.34 -3.42
CA GLY A 12 0.36 1.56 -2.43
C GLY A 12 0.16 0.06 -2.62
N GLY A 13 1.25 -0.64 -2.91
CA GLY A 13 1.17 -2.07 -3.11
C GLY A 13 1.15 -2.86 -1.81
N PHE A 14 1.66 -2.25 -0.74
CA PHE A 14 1.71 -2.90 0.57
C PHE A 14 0.34 -2.90 1.25
N VAL A 15 -0.38 -1.78 1.15
CA VAL A 15 -1.69 -1.67 1.79
C VAL A 15 -2.63 -2.78 1.35
N LEU A 16 -2.34 -3.40 0.21
CA LEU A 16 -3.17 -4.49 -0.28
C LEU A 16 -3.30 -5.59 0.77
N LEU A 17 -2.18 -5.90 1.41
CA LEU A 17 -2.14 -6.93 2.44
C LEU A 17 -3.17 -6.65 3.53
N PHE A 18 -3.48 -5.36 3.72
CA PHE A 18 -4.45 -4.95 4.73
C PHE A 18 -5.87 -5.17 4.24
N PHE A 19 -6.08 -5.04 2.95
CA PHE A 19 -7.41 -5.23 2.36
C PHE A 19 -7.72 -6.71 2.13
N VAL A 20 -6.68 -7.53 2.06
CA VAL A 20 -6.85 -8.97 1.84
C VAL A 20 -7.69 -9.60 2.95
N GLY A 21 -7.24 -9.47 4.18
CA GLY A 21 -7.96 -10.04 5.30
C GLY A 21 -9.13 -9.20 5.75
N CYS A 22 -8.88 -7.91 6.01
CA CYS A 22 -9.93 -7.01 6.46
C CYS A 22 -11.05 -6.89 5.43
N GLY A 23 -10.74 -7.16 4.17
CA GLY A 23 -11.74 -7.08 3.13
C GLY A 23 -12.62 -8.31 3.05
N VAL A 24 -12.13 -9.42 3.61
CA VAL A 24 -12.88 -10.66 3.61
C VAL A 24 -13.88 -10.71 4.76
N LEU A 25 -13.53 -10.07 5.86
CA LEU A 25 -14.39 -10.03 7.04
C LEU A 25 -15.46 -8.95 6.90
N LEU A 26 -15.11 -7.84 6.27
CA LEU A 26 -16.04 -6.74 6.08
C LEU A 26 -17.08 -7.09 5.01
N SER A 27 -16.70 -7.93 4.06
CA SER A 27 -17.60 -8.35 3.00
C SER A 27 -18.76 -9.18 3.55
N LYS A 28 -18.50 -9.92 4.63
CA LYS A 28 -19.52 -10.74 5.26
C LYS A 28 -20.21 -10.00 6.38
N LYS A 29 -19.48 -9.07 7.01
CA LYS A 29 -20.03 -8.29 8.11
C LYS A 29 -21.10 -7.33 7.62
N LYS A 30 -22.28 -7.39 8.25
CA LYS A 30 -23.38 -6.53 7.87
C LYS A 30 -23.53 -5.36 8.85
N LYS A 1 8.73 -5.70 -14.11
CA LYS A 1 9.90 -5.13 -13.41
C LYS A 1 9.73 -3.63 -13.17
N LYS A 2 9.63 -2.87 -14.25
CA LYS A 2 9.45 -1.43 -14.16
C LYS A 2 8.03 -1.08 -13.71
N LYS A 3 7.14 -2.06 -13.82
CA LYS A 3 5.75 -1.86 -13.42
C LYS A 3 5.58 -2.09 -11.92
N LEU A 4 6.60 -2.66 -11.30
CA LEU A 4 6.57 -2.93 -9.87
C LEU A 4 6.35 -1.66 -9.07
N HIS A 5 7.12 -0.62 -9.41
CA HIS A 5 7.02 0.67 -8.72
C HIS A 5 5.69 1.34 -9.02
N PHE A 6 5.11 1.04 -10.18
CA PHE A 6 3.83 1.61 -10.58
C PHE A 6 2.70 1.12 -9.69
N MET A 7 2.86 -0.10 -9.17
CA MET A 7 1.85 -0.69 -8.29
C MET A 7 1.87 -0.05 -6.92
N TYR A 8 3.04 0.43 -6.51
CA TYR A 8 3.20 1.08 -5.21
C TYR A 8 2.80 2.55 -5.28
N VAL A 9 3.39 3.28 -6.21
CA VAL A 9 3.09 4.69 -6.39
C VAL A 9 1.66 4.90 -6.88
N GLY A 10 1.04 3.81 -7.33
CA GLY A 10 -0.33 3.89 -7.82
C GLY A 10 -1.31 4.32 -6.75
N GLY A 11 -1.03 3.96 -5.50
CA GLY A 11 -1.91 4.33 -4.40
C GLY A 11 -1.83 3.36 -3.24
N GLY A 12 -1.35 3.83 -2.10
CA GLY A 12 -1.23 2.98 -0.94
C GLY A 12 -0.19 3.48 0.04
N GLY A 13 1.04 3.00 -0.10
CA GLY A 13 2.11 3.42 0.79
C GLY A 13 2.72 4.75 0.39
N PHE A 14 2.57 5.12 -0.88
CA PHE A 14 3.13 6.37 -1.38
C PHE A 14 2.21 7.57 -1.10
N VAL A 15 0.91 7.36 -1.23
CA VAL A 15 -0.06 8.43 -1.00
C VAL A 15 0.16 9.09 0.36
N LEU A 16 0.85 8.40 1.26
CA LEU A 16 1.13 8.95 2.58
C LEU A 16 1.94 10.23 2.45
N LEU A 17 2.96 10.18 1.59
CA LEU A 17 3.84 11.33 1.35
C LEU A 17 3.02 12.54 0.90
N PHE A 18 1.79 12.30 0.47
CA PHE A 18 0.92 13.38 0.04
C PHE A 18 0.28 14.04 1.27
N PHE A 19 0.00 13.23 2.28
CA PHE A 19 -0.59 13.72 3.52
C PHE A 19 0.47 14.30 4.45
N VAL A 20 1.69 13.75 4.38
CA VAL A 20 2.79 14.21 5.22
C VAL A 20 3.10 15.68 4.95
N GLY A 21 2.90 16.10 3.71
CA GLY A 21 3.16 17.48 3.33
C GLY A 21 2.25 18.46 4.03
N CYS A 22 1.06 18.00 4.43
CA CYS A 22 0.10 18.84 5.11
C CYS A 22 0.65 19.37 6.43
N GLY A 23 1.53 18.57 7.04
CA GLY A 23 2.14 18.96 8.30
C GLY A 23 3.34 19.85 8.11
N VAL A 24 3.92 19.82 6.91
CA VAL A 24 5.09 20.63 6.60
C VAL A 24 4.68 22.07 6.30
N LEU A 25 3.76 22.24 5.35
CA LEU A 25 3.30 23.57 4.96
C LEU A 25 2.63 24.28 6.14
N LEU A 26 2.18 23.50 7.11
CA LEU A 26 1.53 24.05 8.29
C LEU A 26 2.48 24.98 9.04
N SER A 27 3.75 24.57 9.10
CA SER A 27 4.77 25.35 9.78
C SER A 27 5.16 26.58 8.96
N LYS A 28 5.21 26.40 7.64
CA LYS A 28 5.57 27.48 6.73
C LYS A 28 4.48 28.55 6.71
N LYS A 29 3.30 28.21 7.20
CA LYS A 29 2.18 29.14 7.24
C LYS A 29 2.53 30.37 8.09
N LYS A 30 2.65 31.52 7.43
CA LYS A 30 2.99 32.76 8.11
C LYS A 30 1.72 33.48 8.60
N LYS A 1 13.19 -4.61 -12.48
CA LYS A 1 11.73 -4.83 -12.27
C LYS A 1 11.04 -3.51 -11.94
N LYS A 2 10.80 -2.69 -12.96
CA LYS A 2 10.14 -1.40 -12.76
C LYS A 2 8.63 -1.56 -12.73
N LYS A 3 8.15 -2.75 -13.07
CA LYS A 3 6.71 -3.03 -13.07
C LYS A 3 6.12 -2.87 -11.68
N LEU A 4 6.84 -3.37 -10.67
CA LEU A 4 6.37 -3.28 -9.29
C LEU A 4 6.41 -1.85 -8.78
N HIS A 5 7.18 -1.00 -9.47
CA HIS A 5 7.30 0.40 -9.08
C HIS A 5 6.03 1.18 -9.40
N PHE A 6 5.33 0.75 -10.45
CA PHE A 6 4.10 1.40 -10.85
C PHE A 6 2.96 1.07 -9.90
N MET A 7 2.99 -0.14 -9.35
CA MET A 7 1.96 -0.58 -8.42
C MET A 7 2.12 0.11 -7.07
N TYR A 8 3.36 0.40 -6.70
CA TYR A 8 3.66 1.06 -5.43
C TYR A 8 3.17 2.51 -5.46
N VAL A 9 3.47 3.21 -6.56
CA VAL A 9 3.07 4.60 -6.70
C VAL A 9 1.59 4.71 -7.04
N GLY A 10 0.97 3.58 -7.36
CA GLY A 10 -0.44 3.57 -7.69
C GLY A 10 -1.33 3.82 -6.48
N GLY A 11 -0.76 3.63 -5.29
CA GLY A 11 -1.53 3.84 -4.07
C GLY A 11 -1.51 2.62 -3.16
N GLY A 12 -1.32 2.86 -1.87
CA GLY A 12 -1.29 1.76 -0.92
C GLY A 12 -0.41 2.05 0.28
N GLY A 13 0.89 1.92 0.10
CA GLY A 13 1.83 2.18 1.18
C GLY A 13 2.10 3.66 1.37
N PHE A 14 1.89 4.45 0.32
CA PHE A 14 2.12 5.88 0.39
C PHE A 14 0.89 6.61 0.93
N VAL A 15 -0.29 6.21 0.48
CA VAL A 15 -1.53 6.82 0.94
C VAL A 15 -1.61 6.76 2.46
N LEU A 16 -0.83 5.86 3.03
CA LEU A 16 -0.76 5.69 4.47
C LEU A 16 -0.16 6.95 5.09
N LEU A 17 0.89 7.46 4.46
CA LEU A 17 1.57 8.68 4.93
C LEU A 17 0.62 9.87 4.88
N PHE A 18 -0.44 9.76 4.09
CA PHE A 18 -1.41 10.83 3.97
C PHE A 18 -2.03 11.13 5.33
N PHE A 19 -2.24 10.08 6.12
CA PHE A 19 -2.80 10.21 7.45
C PHE A 19 -1.75 10.60 8.47
N VAL A 20 -0.55 10.02 8.34
CA VAL A 20 0.55 10.30 9.26
C VAL A 20 0.92 11.78 9.27
N GLY A 21 0.91 12.39 8.09
CA GLY A 21 1.25 13.80 7.99
C GLY A 21 0.07 14.70 8.27
N CYS A 22 -1.13 14.15 8.27
CA CYS A 22 -2.35 14.90 8.52
C CYS A 22 -2.24 15.71 9.81
N GLY A 23 -1.66 15.12 10.84
CA GLY A 23 -1.51 15.81 12.11
C GLY A 23 -0.37 16.81 12.12
N VAL A 24 0.58 16.63 11.21
CA VAL A 24 1.73 17.53 11.11
C VAL A 24 1.31 18.94 10.70
N LEU A 25 0.29 19.02 9.86
CA LEU A 25 -0.20 20.31 9.39
C LEU A 25 -0.89 21.09 10.50
N LEU A 26 -1.37 20.37 11.52
CA LEU A 26 -2.04 21.00 12.65
C LEU A 26 -1.03 21.53 13.67
N SER A 27 0.15 20.91 13.69
CA SER A 27 1.20 21.32 14.62
C SER A 27 1.96 22.54 14.11
N LYS A 28 2.16 22.60 12.80
CA LYS A 28 2.87 23.71 12.18
C LYS A 28 1.99 24.95 12.08
N LYS A 29 0.68 24.73 11.96
CA LYS A 29 -0.26 25.85 11.85
C LYS A 29 -0.29 26.67 13.14
N LYS A 30 0.31 27.84 13.08
CA LYS A 30 0.35 28.73 14.24
C LYS A 30 0.11 30.18 13.83
N LYS A 1 7.52 -8.37 -10.60
CA LYS A 1 8.15 -7.52 -9.56
C LYS A 1 8.10 -6.05 -9.94
N LYS A 2 7.79 -5.78 -11.20
CA LYS A 2 7.69 -4.41 -11.69
C LYS A 2 6.33 -3.80 -11.37
N LYS A 3 5.42 -4.65 -10.92
CA LYS A 3 4.06 -4.21 -10.57
C LYS A 3 4.05 -3.33 -9.34
N LEU A 4 4.85 -3.70 -8.33
CA LEU A 4 4.92 -2.92 -7.09
C LEU A 4 5.46 -1.52 -7.34
N HIS A 5 6.26 -1.38 -8.40
CA HIS A 5 6.84 -0.09 -8.76
C HIS A 5 5.80 0.83 -9.40
N PHE A 6 5.03 0.26 -10.33
CA PHE A 6 4.00 1.03 -11.04
C PHE A 6 2.89 1.45 -10.08
N MET A 7 2.69 0.66 -9.02
CA MET A 7 1.66 0.95 -8.03
C MET A 7 2.13 2.05 -7.08
N TYR A 8 3.41 2.03 -6.75
CA TYR A 8 4.00 3.01 -5.85
C TYR A 8 3.98 4.40 -6.48
N VAL A 9 4.18 4.45 -7.80
CA VAL A 9 4.19 5.72 -8.52
C VAL A 9 2.77 6.14 -8.90
N GLY A 10 1.81 5.27 -8.63
CA GLY A 10 0.42 5.57 -8.94
C GLY A 10 -0.41 5.84 -7.70
N GLY A 11 0.11 5.44 -6.55
CA GLY A 11 -0.60 5.65 -5.30
C GLY A 11 -0.82 4.37 -4.52
N GLY A 12 0.22 3.90 -3.86
CA GLY A 12 0.12 2.68 -3.08
C GLY A 12 0.86 2.78 -1.75
N GLY A 13 1.25 4.00 -1.40
CA GLY A 13 1.96 4.21 -0.15
C GLY A 13 1.04 4.27 1.05
N PHE A 14 -0.23 4.59 0.82
CA PHE A 14 -1.21 4.68 1.89
C PHE A 14 -1.82 3.32 2.20
N VAL A 15 -2.16 2.57 1.14
CA VAL A 15 -2.74 1.25 1.31
C VAL A 15 -1.82 0.36 2.15
N LEU A 16 -0.56 0.75 2.24
CA LEU A 16 0.41 0.02 3.03
C LEU A 16 0.09 0.17 4.51
N LEU A 17 -0.36 1.37 4.90
CA LEU A 17 -0.72 1.64 6.28
C LEU A 17 -1.85 0.71 6.70
N PHE A 18 -2.50 0.10 5.73
CA PHE A 18 -3.57 -0.84 5.99
C PHE A 18 -2.96 -2.15 6.47
N PHE A 19 -1.75 -2.44 5.98
CA PHE A 19 -1.02 -3.64 6.36
C PHE A 19 -0.27 -3.43 7.68
N VAL A 20 0.25 -2.22 7.86
CA VAL A 20 1.00 -1.88 9.06
C VAL A 20 0.13 -2.01 10.31
N GLY A 21 -1.14 -1.67 10.17
CA GLY A 21 -2.06 -1.75 11.30
C GLY A 21 -2.18 -3.14 11.86
N CYS A 22 -1.80 -4.14 11.07
CA CYS A 22 -1.86 -5.53 11.50
C CYS A 22 -0.91 -5.78 12.67
N GLY A 23 0.30 -5.23 12.57
CA GLY A 23 1.29 -5.40 13.62
C GLY A 23 0.97 -4.59 14.85
N VAL A 24 0.15 -3.57 14.69
CA VAL A 24 -0.23 -2.70 15.81
C VAL A 24 -1.16 -3.43 16.78
N LEU A 25 -1.95 -4.35 16.25
CA LEU A 25 -2.88 -5.13 17.07
C LEU A 25 -2.14 -6.00 18.08
N LEU A 26 -0.90 -6.34 17.75
CA LEU A 26 -0.10 -7.19 18.63
C LEU A 26 0.24 -6.45 19.93
N SER A 27 0.25 -5.13 19.87
CA SER A 27 0.55 -4.32 21.04
C SER A 27 -0.63 -4.26 21.99
N LYS A 28 -1.83 -4.49 21.43
CA LYS A 28 -3.05 -4.47 22.23
C LYS A 28 -3.68 -5.86 22.30
N LYS A 29 -2.93 -6.86 21.84
CA LYS A 29 -3.42 -8.24 21.85
C LYS A 29 -3.30 -8.85 23.25
N LYS A 30 -2.18 -8.57 23.91
CA LYS A 30 -1.94 -9.08 25.25
C LYS A 30 -1.99 -7.96 26.29
N LYS A 1 10.02 -5.64 -9.04
CA LYS A 1 9.68 -6.01 -10.44
C LYS A 1 9.47 -4.77 -11.30
N LYS A 2 8.88 -4.97 -12.48
CA LYS A 2 8.63 -3.85 -13.39
C LYS A 2 7.35 -3.11 -13.00
N LYS A 3 6.27 -3.88 -12.82
CA LYS A 3 4.98 -3.30 -12.45
C LYS A 3 4.93 -2.97 -10.96
N LEU A 4 5.93 -3.44 -10.22
CA LEU A 4 6.00 -3.19 -8.78
C LEU A 4 6.20 -1.70 -8.50
N HIS A 5 7.13 -1.08 -9.22
CA HIS A 5 7.43 0.33 -9.04
C HIS A 5 6.26 1.21 -9.49
N PHE A 6 5.50 0.70 -10.46
CA PHE A 6 4.35 1.44 -10.99
C PHE A 6 3.13 1.26 -10.10
N MET A 7 3.10 0.15 -9.37
CA MET A 7 1.98 -0.14 -8.47
C MET A 7 2.10 0.67 -7.18
N TYR A 8 3.34 0.94 -6.78
CA TYR A 8 3.61 1.73 -5.57
C TYR A 8 3.10 3.16 -5.72
N VAL A 9 3.44 3.79 -6.84
CA VAL A 9 3.02 5.16 -7.10
C VAL A 9 1.51 5.24 -7.34
N GLY A 10 0.90 4.08 -7.57
CA GLY A 10 -0.53 4.04 -7.82
C GLY A 10 -1.34 4.25 -6.56
N GLY A 11 -0.71 4.04 -5.40
CA GLY A 11 -1.39 4.22 -4.14
C GLY A 11 -0.44 4.19 -2.95
N GLY A 12 0.11 3.02 -2.67
CA GLY A 12 1.03 2.88 -1.56
C GLY A 12 1.62 1.49 -1.47
N GLY A 13 2.84 1.39 -0.97
CA GLY A 13 3.50 0.10 -0.84
C GLY A 13 2.95 -0.70 0.32
N PHE A 14 2.35 -0.03 1.29
CA PHE A 14 1.80 -0.70 2.46
C PHE A 14 0.40 -1.23 2.16
N VAL A 15 -0.46 -0.39 1.61
CA VAL A 15 -1.82 -0.80 1.27
C VAL A 15 -1.77 -2.00 0.33
N LEU A 16 -0.63 -2.17 -0.31
CA LEU A 16 -0.43 -3.29 -1.22
C LEU A 16 -0.47 -4.59 -0.41
N LEU A 17 0.19 -4.58 0.74
CA LEU A 17 0.23 -5.74 1.62
C LEU A 17 -1.17 -6.10 2.12
N PHE A 18 -2.08 -5.13 2.10
CA PHE A 18 -3.44 -5.37 2.53
C PHE A 18 -4.09 -6.45 1.68
N PHE A 19 -3.72 -6.46 0.40
CA PHE A 19 -4.26 -7.44 -0.55
C PHE A 19 -3.48 -8.76 -0.47
N VAL A 20 -2.16 -8.67 -0.33
CA VAL A 20 -1.30 -9.84 -0.26
C VAL A 20 -1.73 -10.78 0.87
N GLY A 21 -2.19 -10.20 1.97
CA GLY A 21 -2.63 -10.99 3.11
C GLY A 21 -3.68 -12.01 2.75
N CYS A 22 -4.56 -11.66 1.82
CA CYS A 22 -5.63 -12.55 1.38
C CYS A 22 -5.05 -13.76 0.64
N GLY A 23 -3.90 -13.55 -0.01
CA GLY A 23 -3.26 -14.62 -0.75
C GLY A 23 -2.45 -15.54 0.14
N VAL A 24 -2.06 -15.04 1.31
CA VAL A 24 -1.27 -15.82 2.25
C VAL A 24 -2.12 -16.87 2.94
N LEU A 25 -3.39 -16.54 3.17
CA LEU A 25 -4.32 -17.46 3.83
C LEU A 25 -4.53 -18.72 2.98
N LEU A 26 -4.71 -18.52 1.67
CA LEU A 26 -4.93 -19.64 0.77
C LEU A 26 -3.62 -20.38 0.49
N SER A 27 -2.51 -19.64 0.52
CA SER A 27 -1.20 -20.23 0.27
C SER A 27 -0.71 -21.00 1.49
N LYS A 28 -1.33 -20.72 2.63
CA LYS A 28 -0.95 -21.39 3.88
C LYS A 28 -1.63 -22.75 4.00
N LYS A 29 -2.90 -22.81 3.60
CA LYS A 29 -3.65 -24.06 3.64
C LYS A 29 -3.52 -24.83 2.34
N LYS A 30 -3.42 -26.15 2.45
CA LYS A 30 -3.28 -27.00 1.27
C LYS A 30 -4.64 -27.34 0.68
N LYS A 1 12.52 -2.09 -15.45
CA LYS A 1 11.18 -2.55 -14.99
C LYS A 1 10.55 -1.54 -14.04
N LYS A 2 10.12 -0.40 -14.59
CA LYS A 2 9.50 0.64 -13.78
C LYS A 2 8.03 0.33 -13.51
N LYS A 3 7.53 -0.70 -14.19
CA LYS A 3 6.13 -1.11 -14.03
C LYS A 3 5.85 -1.55 -12.59
N LEU A 4 6.76 -2.34 -12.04
CA LEU A 4 6.62 -2.83 -10.67
C LEU A 4 6.72 -1.70 -9.66
N HIS A 5 7.36 -0.60 -10.06
CA HIS A 5 7.52 0.56 -9.20
C HIS A 5 6.22 1.35 -9.12
N PHE A 6 5.58 1.55 -10.27
CA PHE A 6 4.34 2.29 -10.34
C PHE A 6 3.24 1.59 -9.55
N MET A 7 3.42 0.28 -9.35
CA MET A 7 2.44 -0.52 -8.62
C MET A 7 2.39 -0.10 -7.15
N TYR A 8 3.56 0.18 -6.58
CA TYR A 8 3.67 0.58 -5.18
C TYR A 8 2.81 1.81 -4.90
N VAL A 9 2.90 2.80 -5.79
CA VAL A 9 2.14 4.04 -5.64
C VAL A 9 0.69 3.83 -6.05
N GLY A 10 0.42 2.72 -6.74
CA GLY A 10 -0.93 2.44 -7.18
C GLY A 10 -1.88 2.19 -6.03
N GLY A 11 -1.35 1.87 -4.87
CA GLY A 11 -2.17 1.62 -3.70
C GLY A 11 -1.37 1.23 -2.48
N GLY A 12 -1.56 1.94 -1.38
CA GLY A 12 -0.84 1.64 -0.16
C GLY A 12 0.35 2.56 0.06
N GLY A 13 1.02 2.92 -1.03
CA GLY A 13 2.17 3.80 -0.92
C GLY A 13 1.78 5.26 -0.79
N PHE A 14 0.60 5.61 -1.28
CA PHE A 14 0.12 6.98 -1.21
C PHE A 14 -0.58 7.26 0.12
N VAL A 15 -1.40 6.32 0.57
CA VAL A 15 -2.12 6.48 1.84
C VAL A 15 -1.14 6.82 2.95
N LEU A 16 0.12 6.48 2.72
CA LEU A 16 1.18 6.77 3.68
C LEU A 16 1.44 8.27 3.72
N LEU A 17 1.47 8.89 2.54
CA LEU A 17 1.68 10.34 2.42
C LEU A 17 0.54 11.11 3.09
N PHE A 18 -0.56 10.42 3.35
CA PHE A 18 -1.71 11.04 3.99
C PHE A 18 -1.32 11.57 5.37
N PHE A 19 -0.49 10.80 6.07
CA PHE A 19 -0.03 11.16 7.40
C PHE A 19 1.16 12.12 7.33
N VAL A 20 2.03 11.92 6.35
CA VAL A 20 3.21 12.76 6.18
C VAL A 20 2.84 14.21 5.88
N GLY A 21 1.78 14.39 5.09
CA GLY A 21 1.33 15.71 4.73
C GLY A 21 0.83 16.51 5.92
N CYS A 22 0.55 15.81 7.03
CA CYS A 22 0.04 16.46 8.23
C CYS A 22 1.00 17.56 8.70
N GLY A 23 2.29 17.25 8.76
CA GLY A 23 3.27 18.23 9.19
C GLY A 23 3.62 19.22 8.10
N VAL A 24 3.33 18.85 6.85
CA VAL A 24 3.63 19.72 5.72
C VAL A 24 2.64 20.88 5.63
N LEU A 25 1.45 20.67 6.18
CA LEU A 25 0.41 21.71 6.17
C LEU A 25 0.89 22.97 6.88
N LEU A 26 1.82 22.79 7.82
CA LEU A 26 2.35 23.93 8.57
C LEU A 26 3.25 24.79 7.69
N SER A 27 4.00 24.15 6.80
CA SER A 27 4.90 24.86 5.90
C SER A 27 4.12 25.56 4.79
N LYS A 28 2.87 25.14 4.60
CA LYS A 28 2.01 25.72 3.57
C LYS A 28 1.40 27.02 4.05
N LYS A 29 0.83 27.01 5.25
CA LYS A 29 0.20 28.20 5.83
C LYS A 29 1.25 29.27 6.11
N LYS A 30 0.81 30.52 6.10
CA LYS A 30 1.71 31.65 6.37
C LYS A 30 1.72 32.01 7.85
N LYS A 1 7.85 -7.25 -11.80
CA LYS A 1 9.10 -6.54 -11.44
C LYS A 1 8.93 -5.03 -11.61
N LYS A 2 8.44 -4.61 -12.76
CA LYS A 2 8.23 -3.20 -13.05
C LYS A 2 6.91 -2.72 -12.46
N LYS A 3 5.94 -3.62 -12.37
CA LYS A 3 4.62 -3.29 -11.84
C LYS A 3 4.72 -2.93 -10.35
N LEU A 4 5.72 -3.49 -9.68
CA LEU A 4 5.93 -3.23 -8.26
C LEU A 4 6.13 -1.74 -7.98
N HIS A 5 6.87 -1.07 -8.87
CA HIS A 5 7.14 0.35 -8.72
C HIS A 5 5.95 1.18 -9.17
N PHE A 6 5.20 0.67 -10.14
CA PHE A 6 4.03 1.37 -10.66
C PHE A 6 2.91 1.40 -9.64
N MET A 7 2.84 0.37 -8.80
CA MET A 7 1.80 0.29 -7.78
C MET A 7 2.08 1.27 -6.63
N TYR A 8 3.36 1.52 -6.38
CA TYR A 8 3.76 2.44 -5.32
C TYR A 8 3.38 3.87 -5.69
N VAL A 9 3.86 4.33 -6.84
CA VAL A 9 3.57 5.68 -7.30
C VAL A 9 2.12 5.80 -7.75
N GLY A 10 1.51 4.68 -8.10
CA GLY A 10 0.14 4.68 -8.55
C GLY A 10 -0.83 4.19 -7.47
N GLY A 11 -0.37 4.20 -6.23
CA GLY A 11 -1.21 3.76 -5.13
C GLY A 11 -0.42 3.45 -3.87
N GLY A 12 -0.61 2.25 -3.34
CA GLY A 12 0.09 1.84 -2.14
C GLY A 12 0.18 0.34 -2.00
N GLY A 13 1.12 -0.27 -2.72
CA GLY A 13 1.29 -1.70 -2.66
C GLY A 13 1.68 -2.19 -1.27
N PHE A 14 2.41 -1.36 -0.54
CA PHE A 14 2.84 -1.71 0.81
C PHE A 14 1.67 -1.60 1.78
N VAL A 15 0.77 -0.66 1.52
CA VAL A 15 -0.39 -0.45 2.38
C VAL A 15 -1.16 -1.75 2.58
N LEU A 16 -1.01 -2.69 1.65
CA LEU A 16 -1.68 -3.97 1.75
C LEU A 16 -1.25 -4.68 3.03
N LEU A 17 0.05 -4.66 3.29
CA LEU A 17 0.62 -5.29 4.49
C LEU A 17 0.02 -4.66 5.74
N PHE A 18 -0.61 -3.51 5.59
CA PHE A 18 -1.26 -2.84 6.70
C PHE A 18 -2.62 -3.47 6.96
N PHE A 19 -3.27 -3.89 5.89
CA PHE A 19 -4.58 -4.53 5.96
C PHE A 19 -4.47 -6.01 6.27
N VAL A 20 -3.35 -6.63 5.87
CA VAL A 20 -3.13 -8.04 6.10
C VAL A 20 -3.19 -8.40 7.58
N GLY A 21 -2.78 -7.45 8.43
CA GLY A 21 -2.79 -7.68 9.86
C GLY A 21 -4.19 -7.68 10.45
N CYS A 22 -5.15 -7.17 9.69
CA CYS A 22 -6.54 -7.11 10.16
C CYS A 22 -7.09 -8.50 10.43
N GLY A 23 -6.99 -9.38 9.43
CA GLY A 23 -7.49 -10.74 9.58
C GLY A 23 -6.77 -11.51 10.68
N VAL A 24 -5.50 -11.18 10.90
CA VAL A 24 -4.70 -11.83 11.93
C VAL A 24 -5.18 -11.47 13.32
N LEU A 25 -5.48 -10.18 13.51
CA LEU A 25 -5.95 -9.70 14.80
C LEU A 25 -7.37 -10.15 15.09
N LEU A 26 -8.10 -10.45 14.02
CA LEU A 26 -9.49 -10.91 14.15
C LEU A 26 -9.54 -12.30 14.76
N SER A 27 -8.44 -13.03 14.68
CA SER A 27 -8.36 -14.38 15.22
C SER A 27 -8.31 -14.36 16.75
N LYS A 28 -7.61 -13.37 17.29
CA LYS A 28 -7.48 -13.24 18.74
C LYS A 28 -8.78 -12.72 19.37
N LYS A 29 -9.53 -11.94 18.61
CA LYS A 29 -10.79 -11.39 19.09
C LYS A 29 -11.76 -12.49 19.48
N LYS A 30 -12.19 -12.48 20.74
CA LYS A 30 -13.12 -13.49 21.23
C LYS A 30 -14.56 -13.00 21.13
N LYS A 1 10.54 -4.97 -9.79
CA LYS A 1 9.90 -5.26 -11.11
C LYS A 1 9.33 -3.99 -11.72
N LYS A 2 9.05 -4.04 -13.01
CA LYS A 2 8.49 -2.89 -13.73
C LYS A 2 7.22 -2.40 -13.06
N LYS A 3 6.21 -3.27 -13.00
CA LYS A 3 4.92 -2.92 -12.40
C LYS A 3 5.04 -2.74 -10.89
N LEU A 4 6.15 -3.21 -10.31
CA LEU A 4 6.36 -3.08 -8.88
C LEU A 4 6.43 -1.62 -8.46
N HIS A 5 7.18 -0.83 -9.21
CA HIS A 5 7.32 0.59 -8.92
C HIS A 5 6.08 1.38 -9.33
N PHE A 6 5.35 0.83 -10.30
CA PHE A 6 4.14 1.47 -10.79
C PHE A 6 3.03 1.42 -9.75
N MET A 7 2.93 0.27 -9.07
CA MET A 7 1.91 0.08 -8.05
C MET A 7 2.24 0.90 -6.80
N TYR A 8 3.51 1.25 -6.65
CA TYR A 8 3.96 2.03 -5.50
C TYR A 8 3.64 3.51 -5.69
N VAL A 9 3.88 4.01 -6.89
CA VAL A 9 3.63 5.41 -7.21
C VAL A 9 2.16 5.64 -7.56
N GLY A 10 1.47 4.56 -7.91
CA GLY A 10 0.07 4.65 -8.28
C GLY A 10 -0.85 4.38 -7.10
N GLY A 11 -0.28 3.90 -6.00
CA GLY A 11 -1.07 3.60 -4.82
C GLY A 11 -0.27 3.71 -3.53
N GLY A 12 -0.37 2.68 -2.69
CA GLY A 12 0.35 2.68 -1.43
C GLY A 12 0.85 1.31 -1.05
N GLY A 13 2.09 1.25 -0.56
CA GLY A 13 2.67 -0.03 -0.18
C GLY A 13 2.07 -0.56 1.11
N PHE A 14 1.52 0.34 1.93
CA PHE A 14 0.92 -0.06 3.20
C PHE A 14 -0.48 -0.63 2.98
N VAL A 15 -1.16 -0.16 1.93
CA VAL A 15 -2.51 -0.63 1.62
C VAL A 15 -2.52 -2.12 1.34
N LEU A 16 -1.38 -2.67 0.92
CA LEU A 16 -1.29 -4.09 0.63
C LEU A 16 -1.60 -4.90 1.89
N LEU A 17 -1.19 -4.38 3.03
CA LEU A 17 -1.45 -5.04 4.30
C LEU A 17 -2.96 -5.19 4.47
N PHE A 18 -3.69 -4.28 3.83
CA PHE A 18 -5.14 -4.29 3.86
C PHE A 18 -5.66 -5.22 2.77
N PHE A 19 -4.85 -5.40 1.73
CA PHE A 19 -5.19 -6.27 0.61
C PHE A 19 -5.00 -7.73 1.00
N VAL A 20 -4.11 -7.95 1.96
CA VAL A 20 -3.82 -9.30 2.44
C VAL A 20 -5.01 -9.90 3.18
N GLY A 21 -5.48 -9.19 4.20
CA GLY A 21 -6.61 -9.66 4.97
C GLY A 21 -7.91 -9.60 4.19
N CYS A 22 -7.91 -8.83 3.11
CA CYS A 22 -9.09 -8.68 2.27
C CYS A 22 -9.49 -10.02 1.65
N GLY A 23 -8.50 -10.81 1.25
CA GLY A 23 -8.76 -12.10 0.65
C GLY A 23 -9.22 -13.12 1.67
N VAL A 24 -8.92 -12.86 2.94
CA VAL A 24 -9.30 -13.78 4.01
C VAL A 24 -10.82 -13.88 4.15
N LEU A 25 -11.51 -12.79 3.83
CA LEU A 25 -12.97 -12.75 3.90
C LEU A 25 -13.59 -13.71 2.89
N LEU A 26 -12.99 -13.80 1.71
CA LEU A 26 -13.49 -14.68 0.66
C LEU A 26 -13.33 -16.15 1.05
N SER A 27 -12.32 -16.42 1.88
CA SER A 27 -12.06 -17.79 2.32
C SER A 27 -12.98 -18.16 3.49
N LYS A 28 -13.57 -17.16 4.11
CA LYS A 28 -14.47 -17.38 5.24
C LYS A 28 -15.92 -17.09 4.84
N LYS A 29 -16.10 -16.54 3.66
CA LYS A 29 -17.44 -16.20 3.16
C LYS A 29 -18.25 -17.46 2.91
N LYS A 30 -19.20 -17.73 3.80
CA LYS A 30 -20.05 -18.91 3.68
C LYS A 30 -21.32 -18.76 4.50
N LYS A 1 8.84 -6.17 -13.42
CA LYS A 1 8.97 -5.25 -12.27
C LYS A 1 8.56 -3.83 -12.66
N LYS A 2 7.84 -3.71 -13.77
CA LYS A 2 7.38 -2.41 -14.25
C LYS A 2 6.13 -1.96 -13.50
N LYS A 3 5.21 -2.90 -13.29
CA LYS A 3 3.96 -2.60 -12.59
C LYS A 3 4.15 -2.68 -11.08
N LEU A 4 5.16 -3.45 -10.65
CA LEU A 4 5.44 -3.62 -9.23
C LEU A 4 5.80 -2.29 -8.58
N HIS A 5 6.58 -1.48 -9.29
CA HIS A 5 6.99 -0.18 -8.77
C HIS A 5 5.91 0.87 -9.05
N PHE A 6 5.00 0.54 -9.95
CA PHE A 6 3.91 1.44 -10.31
C PHE A 6 2.86 1.48 -9.20
N MET A 7 2.81 0.42 -8.41
CA MET A 7 1.85 0.34 -7.31
C MET A 7 2.14 1.40 -6.25
N TYR A 8 3.41 1.82 -6.20
CA TYR A 8 3.84 2.83 -5.24
C TYR A 8 3.45 4.22 -5.72
N VAL A 9 3.69 4.50 -6.99
CA VAL A 9 3.37 5.79 -7.57
C VAL A 9 1.88 5.91 -7.87
N GLY A 10 1.17 4.78 -7.79
CA GLY A 10 -0.25 4.78 -8.05
C GLY A 10 -1.07 4.76 -6.78
N GLY A 11 -0.40 4.98 -5.65
CA GLY A 11 -1.09 5.00 -4.37
C GLY A 11 -0.14 4.81 -3.20
N GLY A 12 0.56 3.68 -3.18
CA GLY A 12 1.51 3.40 -2.11
C GLY A 12 1.37 1.99 -1.57
N GLY A 13 2.23 1.66 -0.62
CA GLY A 13 2.20 0.34 -0.02
C GLY A 13 0.93 0.09 0.75
N PHE A 14 0.28 1.16 1.20
CA PHE A 14 -0.96 1.04 1.96
C PHE A 14 -2.15 0.79 1.02
N VAL A 15 -2.18 1.51 -0.10
CA VAL A 15 -3.25 1.35 -1.06
C VAL A 15 -3.37 -0.11 -1.47
N LEU A 16 -2.25 -0.81 -1.38
CA LEU A 16 -2.20 -2.23 -1.70
C LEU A 16 -3.20 -2.97 -0.81
N LEU A 17 -3.22 -2.61 0.47
CA LEU A 17 -4.13 -3.21 1.44
C LEU A 17 -5.58 -2.93 1.06
N PHE A 18 -5.82 -1.83 0.36
CA PHE A 18 -7.18 -1.48 -0.05
C PHE A 18 -7.73 -2.61 -0.93
N PHE A 19 -6.85 -3.25 -1.67
CA PHE A 19 -7.22 -4.36 -2.54
C PHE A 19 -7.32 -5.67 -1.77
N VAL A 20 -6.39 -5.88 -0.83
CA VAL A 20 -6.37 -7.09 -0.03
C VAL A 20 -7.64 -7.25 0.79
N GLY A 21 -8.15 -6.14 1.33
CA GLY A 21 -9.36 -6.17 2.11
C GLY A 21 -10.60 -6.38 1.27
N CYS A 22 -10.53 -5.97 0.01
CA CYS A 22 -11.66 -6.12 -0.91
C CYS A 22 -11.98 -7.58 -1.16
N GLY A 23 -10.93 -8.39 -1.31
CA GLY A 23 -11.11 -9.81 -1.56
C GLY A 23 -11.66 -10.54 -0.35
N VAL A 24 -11.51 -9.92 0.82
CA VAL A 24 -11.98 -10.52 2.07
C VAL A 24 -13.51 -10.50 2.13
N LEU A 25 -14.11 -9.49 1.51
CA LEU A 25 -15.56 -9.36 1.50
C LEU A 25 -16.21 -10.48 0.68
N LEU A 26 -15.64 -10.74 -0.50
CA LEU A 26 -16.16 -11.78 -1.38
C LEU A 26 -16.03 -13.16 -0.72
N SER A 27 -15.06 -13.31 0.16
CA SER A 27 -14.83 -14.57 0.86
C SER A 27 -16.02 -14.92 1.74
N LYS A 28 -16.85 -13.93 2.05
CA LYS A 28 -18.03 -14.14 2.88
C LYS A 28 -19.28 -14.25 2.03
N LYS A 29 -19.16 -13.85 0.76
CA LYS A 29 -20.29 -13.90 -0.17
C LYS A 29 -20.46 -15.31 -0.74
N LYS A 30 -19.39 -16.11 -0.67
CA LYS A 30 -19.42 -17.47 -1.18
C LYS A 30 -19.69 -18.47 -0.06
N LYS A 1 8.86 -6.36 -14.51
CA LYS A 1 9.33 -6.00 -13.14
C LYS A 1 8.98 -4.55 -12.80
N LYS A 2 8.42 -3.84 -13.77
CA LYS A 2 8.04 -2.45 -13.57
C LYS A 2 6.69 -2.34 -12.87
N LYS A 3 5.93 -3.43 -12.91
CA LYS A 3 4.62 -3.47 -12.27
C LYS A 3 4.74 -3.38 -10.75
N LEU A 4 5.95 -3.61 -10.25
CA LEU A 4 6.22 -3.56 -8.82
C LEU A 4 6.40 -2.13 -8.35
N HIS A 5 7.08 -1.32 -9.15
CA HIS A 5 7.32 0.08 -8.81
C HIS A 5 6.10 0.94 -9.11
N PHE A 6 5.22 0.42 -9.97
CA PHE A 6 4.01 1.14 -10.35
C PHE A 6 3.06 1.24 -9.16
N MET A 7 2.97 0.18 -8.38
CA MET A 7 2.10 0.15 -7.21
C MET A 7 2.59 1.13 -6.15
N TYR A 8 3.88 1.43 -6.19
CA TYR A 8 4.48 2.35 -5.22
C TYR A 8 3.91 3.76 -5.42
N VAL A 9 3.86 4.21 -6.67
CA VAL A 9 3.35 5.53 -6.99
C VAL A 9 1.82 5.53 -7.02
N GLY A 10 1.24 4.34 -7.20
CA GLY A 10 -0.21 4.23 -7.24
C GLY A 10 -0.86 4.64 -5.94
N GLY A 11 -0.18 4.39 -4.83
CA GLY A 11 -0.72 4.74 -3.53
C GLY A 11 -0.56 3.63 -2.51
N GLY A 12 0.60 2.97 -2.53
CA GLY A 12 0.87 1.89 -1.60
C GLY A 12 0.08 0.64 -1.94
N GLY A 13 0.75 -0.51 -1.87
CA GLY A 13 0.09 -1.78 -2.17
C GLY A 13 -0.76 -2.27 -1.01
N PHE A 14 -0.45 -1.81 0.20
CA PHE A 14 -1.20 -2.22 1.39
C PHE A 14 -2.53 -1.47 1.45
N VAL A 15 -2.53 -0.23 0.98
CA VAL A 15 -3.73 0.60 0.99
C VAL A 15 -4.89 -0.11 0.30
N LEU A 16 -4.57 -0.99 -0.64
CA LEU A 16 -5.60 -1.73 -1.36
C LEU A 16 -6.45 -2.52 -0.39
N LEU A 17 -5.81 -3.05 0.66
CA LEU A 17 -6.52 -3.82 1.67
C LEU A 17 -7.52 -2.94 2.42
N PHE A 18 -7.22 -1.65 2.47
CA PHE A 18 -8.09 -0.69 3.14
C PHE A 18 -9.35 -0.42 2.31
N PHE A 19 -9.18 -0.36 1.00
CA PHE A 19 -10.30 -0.11 0.09
C PHE A 19 -11.11 -1.39 -0.14
N VAL A 20 -10.40 -2.46 -0.50
CA VAL A 20 -11.03 -3.75 -0.76
C VAL A 20 -11.78 -4.24 0.49
N GLY A 21 -11.27 -3.87 1.65
CA GLY A 21 -11.90 -4.28 2.89
C GLY A 21 -13.12 -3.44 3.24
N CYS A 22 -13.17 -2.23 2.70
CA CYS A 22 -14.29 -1.32 2.94
C CYS A 22 -15.59 -1.97 2.49
N GLY A 23 -15.58 -2.58 1.31
CA GLY A 23 -16.77 -3.22 0.78
C GLY A 23 -17.17 -4.43 1.60
N VAL A 24 -16.19 -5.05 2.26
CA VAL A 24 -16.45 -6.22 3.09
C VAL A 24 -17.13 -5.82 4.39
N LEU A 25 -16.75 -4.66 4.92
CA LEU A 25 -17.32 -4.15 6.15
C LEU A 25 -18.81 -3.84 5.97
N LEU A 26 -19.21 -3.63 4.72
CA LEU A 26 -20.61 -3.33 4.41
C LEU A 26 -21.42 -4.62 4.27
N SER A 27 -20.89 -5.56 3.50
CA SER A 27 -21.56 -6.84 3.28
C SER A 27 -21.66 -7.63 4.58
N LYS A 28 -20.78 -7.32 5.53
CA LYS A 28 -20.77 -8.00 6.82
C LYS A 28 -21.44 -7.15 7.90
N LYS A 29 -20.86 -5.98 8.16
CA LYS A 29 -21.40 -5.06 9.16
C LYS A 29 -21.47 -5.74 10.53
N LYS A 30 -20.36 -5.74 11.25
CA LYS A 30 -20.28 -6.35 12.57
C LYS A 30 -20.69 -5.35 13.64
N LYS A 1 6.87 -7.73 -12.66
CA LYS A 1 7.98 -7.23 -11.81
C LYS A 1 8.23 -5.75 -12.06
N LYS A 2 8.03 -5.32 -13.30
CA LYS A 2 8.23 -3.93 -13.67
C LYS A 2 7.07 -3.07 -13.20
N LYS A 3 5.91 -3.70 -13.02
CA LYS A 3 4.71 -3.01 -12.56
C LYS A 3 4.78 -2.74 -11.06
N LEU A 4 5.70 -3.42 -10.39
CA LEU A 4 5.88 -3.28 -8.95
C LEU A 4 6.07 -1.82 -8.56
N HIS A 5 7.00 -1.15 -9.22
CA HIS A 5 7.29 0.25 -8.93
C HIS A 5 6.14 1.15 -9.34
N PHE A 6 5.37 0.71 -10.34
CA PHE A 6 4.23 1.49 -10.82
C PHE A 6 3.04 1.36 -9.89
N MET A 7 3.02 0.28 -9.10
CA MET A 7 1.94 0.04 -8.16
C MET A 7 2.17 0.83 -6.87
N TYR A 8 3.43 1.20 -6.63
CA TYR A 8 3.80 1.95 -5.43
C TYR A 8 3.18 3.34 -5.45
N VAL A 9 3.11 3.95 -6.62
CA VAL A 9 2.53 5.28 -6.77
C VAL A 9 1.02 5.21 -6.99
N GLY A 10 0.60 4.26 -7.82
CA GLY A 10 -0.82 4.10 -8.10
C GLY A 10 -1.58 3.52 -6.93
N GLY A 11 -0.86 2.92 -5.98
CA GLY A 11 -1.50 2.33 -4.82
C GLY A 11 -0.63 2.40 -3.58
N GLY A 12 -0.88 1.48 -2.64
CA GLY A 12 -0.10 1.46 -1.41
C GLY A 12 -0.10 0.08 -0.76
N GLY A 13 0.73 -0.81 -1.28
CA GLY A 13 0.82 -2.14 -0.73
C GLY A 13 1.67 -2.22 0.53
N PHE A 14 2.57 -1.24 0.68
CA PHE A 14 3.44 -1.20 1.84
C PHE A 14 2.77 -0.52 3.02
N VAL A 15 2.13 0.62 2.78
CA VAL A 15 1.43 1.35 3.84
C VAL A 15 0.43 0.44 4.53
N LEU A 16 0.05 -0.62 3.83
CA LEU A 16 -0.88 -1.61 4.38
C LEU A 16 -0.29 -2.21 5.65
N LEU A 17 1.00 -2.53 5.59
CA LEU A 17 1.70 -3.11 6.74
C LEU A 17 1.70 -2.15 7.92
N PHE A 18 1.63 -0.85 7.63
CA PHE A 18 1.60 0.15 8.69
C PHE A 18 0.43 -0.12 9.63
N PHE A 19 -0.66 -0.62 9.07
CA PHE A 19 -1.85 -0.95 9.85
C PHE A 19 -1.73 -2.33 10.51
N VAL A 20 -1.14 -3.28 9.78
CA VAL A 20 -0.98 -4.64 10.29
C VAL A 20 -0.09 -4.67 11.53
N GLY A 21 0.93 -3.83 11.53
CA GLY A 21 1.86 -3.78 12.64
C GLY A 21 1.19 -3.42 13.96
N CYS A 22 -0.04 -2.90 13.88
CA CYS A 22 -0.78 -2.51 15.08
C CYS A 22 -0.84 -3.65 16.08
N GLY A 23 -1.32 -4.81 15.63
CA GLY A 23 -1.42 -5.97 16.51
C GLY A 23 -0.06 -6.48 16.94
N VAL A 24 0.96 -6.15 16.16
CA VAL A 24 2.33 -6.59 16.47
C VAL A 24 2.91 -5.80 17.63
N LEU A 25 2.46 -4.56 17.79
CA LEU A 25 2.95 -3.70 18.86
C LEU A 25 2.64 -4.31 20.23
N LEU A 26 1.50 -4.98 20.32
CA LEU A 26 1.08 -5.61 21.57
C LEU A 26 2.04 -6.74 21.96
N SER A 27 2.48 -7.49 20.97
CA SER A 27 3.40 -8.60 21.20
C SER A 27 4.74 -8.09 21.74
N LYS A 28 5.03 -6.83 21.48
CA LYS A 28 6.29 -6.23 21.94
C LYS A 28 6.21 -5.94 23.44
N LYS A 29 5.02 -5.60 23.92
CA LYS A 29 4.83 -5.30 25.33
C LYS A 29 3.99 -6.39 26.00
N LYS A 30 4.68 -7.39 26.55
CA LYS A 30 4.00 -8.50 27.23
C LYS A 30 3.03 -9.19 26.28
N LYS A 1 8.66 -7.64 -13.38
CA LYS A 1 9.15 -7.31 -12.01
C LYS A 1 9.01 -5.82 -11.72
N LYS A 2 8.97 -5.01 -12.78
CA LYS A 2 8.83 -3.57 -12.64
C LYS A 2 7.37 -3.19 -12.47
N LYS A 3 6.48 -4.16 -12.68
CA LYS A 3 5.05 -3.92 -12.56
C LYS A 3 4.66 -3.55 -11.13
N LEU A 4 5.52 -3.90 -10.18
CA LEU A 4 5.27 -3.59 -8.77
C LEU A 4 5.71 -2.17 -8.42
N HIS A 5 6.62 -1.63 -9.22
CA HIS A 5 7.14 -0.28 -9.00
C HIS A 5 6.04 0.75 -9.25
N PHE A 6 5.38 0.63 -10.40
CA PHE A 6 4.30 1.55 -10.77
C PHE A 6 3.11 1.36 -9.83
N MET A 7 3.04 0.20 -9.20
CA MET A 7 1.95 -0.12 -8.28
C MET A 7 2.05 0.74 -7.02
N TYR A 8 3.28 1.05 -6.63
CA TYR A 8 3.51 1.87 -5.44
C TYR A 8 3.01 3.30 -5.65
N VAL A 9 3.26 3.83 -6.84
CA VAL A 9 2.82 5.19 -7.16
C VAL A 9 1.40 5.21 -7.70
N GLY A 10 0.87 4.03 -8.03
CA GLY A 10 -0.47 3.92 -8.55
C GLY A 10 -1.47 3.45 -7.51
N GLY A 11 -0.98 3.18 -6.31
CA GLY A 11 -1.84 2.73 -5.24
C GLY A 11 -1.39 3.21 -3.87
N GLY A 12 -0.49 2.46 -3.25
CA GLY A 12 0.01 2.83 -1.94
C GLY A 12 0.77 1.70 -1.27
N GLY A 13 2.05 1.94 -0.99
CA GLY A 13 2.86 0.92 -0.35
C GLY A 13 2.65 0.82 1.15
N PHE A 14 2.82 1.95 1.85
CA PHE A 14 2.66 1.98 3.30
C PHE A 14 1.19 2.17 3.68
N VAL A 15 0.52 3.12 3.05
CA VAL A 15 -0.89 3.37 3.34
C VAL A 15 -1.69 2.09 3.24
N LEU A 16 -1.14 1.12 2.52
CA LEU A 16 -1.77 -0.17 2.35
C LEU A 16 -1.87 -0.86 3.71
N LEU A 17 -0.78 -0.82 4.46
CA LEU A 17 -0.72 -1.42 5.79
C LEU A 17 -1.74 -0.78 6.73
N PHE A 18 -2.22 0.40 6.36
CA PHE A 18 -3.21 1.09 7.18
C PHE A 18 -4.52 0.33 7.17
N PHE A 19 -4.81 -0.31 6.03
CA PHE A 19 -6.02 -1.10 5.87
C PHE A 19 -5.84 -2.50 6.44
N VAL A 20 -4.61 -3.02 6.36
CA VAL A 20 -4.31 -4.36 6.86
C VAL A 20 -4.37 -4.40 8.38
N GLY A 21 -3.91 -3.33 9.01
CA GLY A 21 -3.90 -3.25 10.46
C GLY A 21 -5.30 -3.17 11.05
N CYS A 22 -6.28 -2.87 10.20
CA CYS A 22 -7.67 -2.77 10.64
C CYS A 22 -8.11 -4.05 11.36
N GLY A 23 -7.82 -5.20 10.74
CA GLY A 23 -8.20 -6.47 11.33
C GLY A 23 -7.48 -6.73 12.64
N VAL A 24 -6.31 -6.12 12.81
CA VAL A 24 -5.52 -6.30 14.02
C VAL A 24 -6.19 -5.61 15.21
N LEU A 25 -6.76 -4.44 14.97
CA LEU A 25 -7.43 -3.68 16.03
C LEU A 25 -8.77 -4.30 16.37
N LEU A 26 -9.35 -5.03 15.41
CA LEU A 26 -10.64 -5.66 15.62
C LEU A 26 -10.57 -6.68 16.77
N SER A 27 -9.41 -7.30 16.92
CA SER A 27 -9.20 -8.29 17.97
C SER A 27 -8.95 -7.61 19.31
N LYS A 28 -8.53 -6.35 19.26
CA LYS A 28 -8.25 -5.58 20.47
C LYS A 28 -9.54 -5.00 21.05
N LYS A 29 -10.64 -5.15 20.31
CA LYS A 29 -11.93 -4.64 20.74
C LYS A 29 -12.42 -5.36 22.00
N LYS A 30 -11.82 -6.51 22.29
CA LYS A 30 -12.20 -7.29 23.46
C LYS A 30 -10.97 -7.74 24.23
#